data_9PHG
#
_entry.id   9PHG
#
_cell.length_a   44.599
_cell.length_b   52.463
_cell.length_c   83.861
_cell.angle_alpha   75.95
_cell.angle_beta   84.06
_cell.angle_gamma   66.05
#
_symmetry.space_group_name_H-M   'P 1'
#
loop_
_entity.id
_entity.type
_entity.pdbx_description
1 polymer ketoreductase
2 non-polymer 'NADP NICOTINAMIDE-ADENINE-DINUCLEOTIDE PHOSPHATE'
3 non-polymer 'POTASSIUM ION'
4 water water
#
_entity_poly.entity_id   1
_entity_poly.type   'polypeptide(L)'
_entity_poly.pdbx_seq_one_letter_code
;MKKIDNAVLPAGSLVLVTGANGFVGSHVVEQLLEHGYKVRGTARSASKLANLQKRWDAKYPGRFETAVVEDMLKDGAYDE
VIKGAAGVAHIASPVSFSPKYDEVVPPAIGGTLNALRAAAATPSVKRFVLTSSMMAAIVPKPNVPGIYLDEKSWNLESID
KAVTLPESHKEKGLWVYAASKTMAEMLAWHFMDENKPHFTLNTVLPAYTIGTIFDPETQSGSTSGIVMKLFNGEVSPMLA
LFGPQHYVSAFDIGLLHLGCLVLPQIERRRVYGTAAPFDWNMVLAVFRKLWPSKTFPADFPDQGQDLSVFDTRPSLEILK
SLGREGWRSFEDSIKDLVGSEFDGQTGHHHHHH
;
_entity_poly.pdbx_strand_id   A,B
#
loop_
_chem_comp.id
_chem_comp.type
_chem_comp.name
_chem_comp.formula
K non-polymer 'POTASSIUM ION' 'K 1'
NAP non-polymer 'NADP NICOTINAMIDE-ADENINE-DINUCLEOTIDE PHOSPHATE' 'C21 H28 N7 O17 P3'
#
# COMPACT_ATOMS: atom_id res chain seq x y z
N ILE A 4 29.95 -6.41 -24.20
CA ILE A 4 29.95 -6.69 -22.77
C ILE A 4 30.32 -8.14 -22.54
N ASP A 5 31.43 -8.41 -21.84
CA ASP A 5 31.85 -9.77 -21.52
C ASP A 5 31.03 -10.32 -20.36
N ASN A 6 30.87 -11.65 -20.31
CA ASN A 6 30.13 -12.41 -19.28
C ASN A 6 28.62 -12.09 -19.26
N ALA A 7 28.09 -11.41 -20.29
CA ALA A 7 26.66 -11.05 -20.31
C ALA A 7 25.74 -12.25 -20.17
N VAL A 8 24.68 -12.09 -19.37
CA VAL A 8 23.71 -13.16 -19.17
C VAL A 8 22.76 -13.28 -20.36
N LEU A 9 22.53 -12.19 -21.11
CA LEU A 9 21.72 -12.22 -22.31
C LEU A 9 22.73 -12.25 -23.42
N PRO A 10 22.80 -13.31 -24.25
CA PRO A 10 23.83 -13.33 -25.30
C PRO A 10 23.78 -12.12 -26.20
N ALA A 11 24.93 -11.72 -26.76
CA ALA A 11 25.02 -10.59 -27.67
C ALA A 11 23.97 -10.68 -28.80
N GLY A 12 23.32 -9.56 -29.11
CA GLY A 12 22.29 -9.50 -30.15
C GLY A 12 20.91 -9.97 -29.71
N SER A 13 20.75 -10.35 -28.42
CA SER A 13 19.45 -10.76 -27.88
C SER A 13 18.44 -9.64 -28.00
N LEU A 14 17.15 -10.01 -28.03
CA LEU A 14 16.07 -9.05 -28.08
C LEU A 14 15.63 -8.66 -26.67
N VAL A 15 15.44 -7.34 -26.43
CA VAL A 15 14.89 -6.86 -25.16
C VAL A 15 13.65 -6.05 -25.48
N LEU A 16 12.54 -6.36 -24.80
CA LEU A 16 11.32 -5.60 -24.88
C LEU A 16 11.44 -4.44 -23.91
N VAL A 17 11.19 -3.19 -24.37
CA VAL A 17 11.24 -2.01 -23.53
C VAL A 17 9.87 -1.35 -23.62
N THR A 18 9.14 -1.27 -22.49
CA THR A 18 7.80 -0.66 -22.52
C THR A 18 7.96 0.86 -22.31
N GLY A 19 7.06 1.63 -22.90
CA GLY A 19 7.13 3.08 -22.81
C GLY A 19 8.42 3.64 -23.42
N ALA A 20 8.81 3.07 -24.58
CA ALA A 20 10.03 3.49 -25.26
C ALA A 20 9.97 4.90 -25.80
N ASN A 21 8.76 5.49 -25.96
CA ASN A 21 8.67 6.87 -26.43
C ASN A 21 8.98 7.89 -25.32
N GLY A 22 8.99 7.46 -24.06
CA GLY A 22 9.23 8.33 -22.92
C GLY A 22 10.68 8.72 -22.79
N PHE A 23 10.96 9.63 -21.89
CA PHE A 23 12.32 10.17 -21.71
C PHE A 23 13.27 9.09 -21.21
N VAL A 24 12.98 8.48 -20.05
CA VAL A 24 13.85 7.44 -19.51
C VAL A 24 13.87 6.23 -20.43
N GLY A 25 12.71 5.85 -20.95
CA GLY A 25 12.62 4.70 -21.85
C GLY A 25 13.47 4.85 -23.10
N SER A 26 13.52 6.07 -23.67
CA SER A 26 14.34 6.29 -24.87
C SER A 26 15.84 6.17 -24.55
N HIS A 27 16.26 6.54 -23.32
CA HIS A 27 17.67 6.37 -22.93
C HIS A 27 18.00 4.89 -22.68
N VAL A 28 17.05 4.13 -22.13
CA VAL A 28 17.26 2.69 -21.92
C VAL A 28 17.38 2.00 -23.30
N VAL A 29 16.52 2.36 -24.24
CA VAL A 29 16.58 1.81 -25.60
C VAL A 29 17.95 2.17 -26.23
N GLU A 30 18.35 3.44 -26.14
CA GLU A 30 19.61 3.91 -26.71
C GLU A 30 20.81 3.07 -26.21
N GLN A 31 20.93 2.89 -24.89
CA GLN A 31 22.07 2.13 -24.37
C GLN A 31 21.99 0.65 -24.68
N LEU A 32 20.78 0.09 -24.82
CA LEU A 32 20.69 -1.32 -25.25
C LEU A 32 21.17 -1.43 -26.68
N LEU A 33 20.72 -0.52 -27.54
CA LEU A 33 21.12 -0.56 -28.94
C LEU A 33 22.61 -0.31 -29.10
N GLU A 34 23.16 0.63 -28.30
CA GLU A 34 24.59 0.96 -28.34
C GLU A 34 25.48 -0.24 -27.95
N HIS A 35 24.96 -1.14 -27.08
CA HIS A 35 25.70 -2.33 -26.66
C HIS A 35 25.33 -3.60 -27.44
N GLY A 36 24.80 -3.42 -28.65
CA GLY A 36 24.55 -4.50 -29.59
C GLY A 36 23.32 -5.35 -29.40
N TYR A 37 22.37 -4.94 -28.52
CA TYR A 37 21.13 -5.71 -28.36
C TYR A 37 20.07 -5.23 -29.33
N LYS A 38 19.12 -6.13 -29.68
CA LYS A 38 17.99 -5.75 -30.50
C LYS A 38 16.90 -5.30 -29.54
N VAL A 39 16.10 -4.30 -29.92
CA VAL A 39 15.06 -3.78 -29.03
C VAL A 39 13.72 -3.72 -29.73
N ARG A 40 12.69 -4.14 -29.03
CA ARG A 40 11.32 -3.93 -29.42
C ARG A 40 10.81 -2.93 -28.40
N GLY A 41 10.52 -1.70 -28.83
CA GLY A 41 10.04 -0.68 -27.93
C GLY A 41 8.54 -0.47 -28.10
N THR A 42 7.79 -0.38 -26.99
CA THR A 42 6.36 -0.21 -27.09
C THR A 42 5.93 1.24 -26.80
N ALA A 43 4.78 1.61 -27.37
CA ALA A 43 4.14 2.88 -27.11
C ALA A 43 2.63 2.69 -27.37
N ARG A 44 1.80 3.60 -26.87
CA ARG A 44 0.35 3.49 -27.05
C ARG A 44 -0.11 3.73 -28.49
N SER A 45 0.77 4.23 -29.36
CA SER A 45 0.50 4.40 -30.79
C SER A 45 1.82 4.35 -31.55
N ALA A 46 1.76 3.96 -32.83
CA ALA A 46 2.96 3.93 -33.65
C ALA A 46 3.50 5.37 -33.85
N SER A 47 2.62 6.39 -33.99
CA SER A 47 3.08 7.77 -34.17
C SER A 47 3.85 8.32 -32.97
N LYS A 48 3.56 7.85 -31.73
CA LYS A 48 4.35 8.30 -30.57
C LYS A 48 5.83 7.92 -30.67
N LEU A 49 6.15 6.85 -31.44
CA LEU A 49 7.54 6.42 -31.62
C LEU A 49 8.11 6.79 -32.99
N ALA A 50 7.34 7.42 -33.89
CA ALA A 50 7.81 7.69 -35.26
C ALA A 50 9.16 8.42 -35.31
N ASN A 51 9.34 9.52 -34.56
CA ASN A 51 10.61 10.25 -34.63
C ASN A 51 11.76 9.46 -34.03
N LEU A 52 11.52 8.75 -32.91
CA LEU A 52 12.59 7.96 -32.31
C LEU A 52 12.94 6.76 -33.19
N GLN A 53 11.95 6.16 -33.87
CA GLN A 53 12.19 5.08 -34.82
C GLN A 53 13.12 5.59 -35.94
N LYS A 54 12.88 6.81 -36.46
CA LYS A 54 13.73 7.41 -37.51
C LYS A 54 15.16 7.55 -37.00
N ARG A 55 15.31 8.04 -35.75
CA ARG A 55 16.62 8.18 -35.12
C ARG A 55 17.34 6.84 -35.05
N TRP A 56 16.69 5.84 -34.45
CA TRP A 56 17.31 4.55 -34.22
C TRP A 56 17.53 3.78 -35.53
N ASP A 57 16.70 4.00 -36.56
CA ASP A 57 16.94 3.35 -37.86
C ASP A 57 18.21 3.93 -38.50
N ALA A 58 18.43 5.24 -38.36
CA ALA A 58 19.64 5.88 -38.89
C ALA A 58 20.90 5.53 -38.07
N LYS A 59 20.79 5.54 -36.73
CA LYS A 59 21.94 5.28 -35.87
C LYS A 59 22.29 3.79 -35.69
N TYR A 60 21.29 2.91 -35.63
CA TYR A 60 21.44 1.48 -35.39
C TYR A 60 20.56 0.73 -36.40
N PRO A 61 20.84 0.82 -37.72
CA PRO A 61 19.95 0.17 -38.70
C PRO A 61 19.55 -1.28 -38.41
N GLY A 62 18.27 -1.57 -38.54
CA GLY A 62 17.72 -2.91 -38.34
C GLY A 62 17.78 -3.47 -36.93
N ARG A 63 18.03 -2.62 -35.91
CA ARG A 63 18.14 -3.06 -34.52
C ARG A 63 16.93 -2.71 -33.65
N PHE A 64 16.15 -1.69 -34.02
CA PHE A 64 14.97 -1.30 -33.23
C PHE A 64 13.67 -1.58 -34.01
N GLU A 65 12.62 -2.05 -33.30
CA GLU A 65 11.30 -2.26 -33.88
C GLU A 65 10.27 -1.54 -33.00
N THR A 66 9.35 -0.81 -33.64
CA THR A 66 8.22 -0.22 -32.92
C THR A 66 7.16 -1.31 -32.69
N ALA A 67 6.55 -1.30 -31.52
CA ALA A 67 5.42 -2.16 -31.23
C ALA A 67 4.36 -1.33 -30.51
N VAL A 68 3.09 -1.65 -30.73
CA VAL A 68 2.00 -0.89 -30.12
C VAL A 68 1.31 -1.69 -29.02
N VAL A 69 1.15 -1.06 -27.85
CA VAL A 69 0.41 -1.60 -26.71
C VAL A 69 -0.46 -0.42 -26.29
N GLU A 70 -1.72 -0.41 -26.77
CA GLU A 70 -2.65 0.69 -26.52
C GLU A 70 -3.08 0.85 -25.05
N ASP A 71 -3.27 -0.26 -24.34
CA ASP A 71 -3.75 -0.24 -22.96
C ASP A 71 -2.97 -1.27 -22.15
N MET A 72 -2.17 -0.82 -21.18
CA MET A 72 -1.39 -1.77 -20.36
C MET A 72 -2.14 -2.27 -19.11
N LEU A 73 -3.40 -1.81 -18.87
CA LEU A 73 -4.19 -2.23 -17.71
C LEU A 73 -4.97 -3.51 -17.96
N LYS A 74 -5.48 -3.67 -19.20
CA LYS A 74 -6.27 -4.85 -19.58
C LYS A 74 -5.45 -6.14 -19.57
N ASP A 75 -6.14 -7.30 -19.42
CA ASP A 75 -5.51 -8.61 -19.40
C ASP A 75 -4.91 -8.98 -20.74
N GLY A 76 -3.75 -9.61 -20.71
CA GLY A 76 -3.03 -9.99 -21.91
C GLY A 76 -2.46 -8.82 -22.70
N ALA A 77 -2.39 -7.60 -22.11
CA ALA A 77 -1.89 -6.43 -22.86
C ALA A 77 -0.49 -6.61 -23.41
N TYR A 78 0.37 -7.33 -22.70
CA TYR A 78 1.74 -7.55 -23.16
C TYR A 78 1.95 -8.93 -23.83
N ASP A 79 0.88 -9.72 -24.07
CA ASP A 79 1.00 -11.07 -24.62
C ASP A 79 1.61 -11.23 -26.01
N GLU A 80 1.49 -10.24 -26.90
CA GLU A 80 2.08 -10.35 -28.25
C GLU A 80 3.51 -9.74 -28.29
N VAL A 81 3.70 -8.56 -27.68
CA VAL A 81 5.00 -7.89 -27.68
C VAL A 81 6.11 -8.65 -26.91
N ILE A 82 5.74 -9.60 -26.06
CA ILE A 82 6.72 -10.37 -25.26
C ILE A 82 7.43 -11.46 -26.07
N LYS A 83 6.83 -11.95 -27.19
CA LYS A 83 7.40 -13.09 -27.91
C LYS A 83 8.81 -12.88 -28.41
N GLY A 84 9.70 -13.81 -28.10
CA GLY A 84 11.10 -13.78 -28.52
C GLY A 84 12.02 -12.98 -27.59
N ALA A 85 11.48 -12.28 -26.60
CA ALA A 85 12.30 -11.45 -25.71
C ALA A 85 13.13 -12.25 -24.72
N ALA A 86 14.42 -11.94 -24.60
CA ALA A 86 15.30 -12.54 -23.56
C ALA A 86 15.29 -11.65 -22.30
N GLY A 87 14.98 -10.36 -22.48
CA GLY A 87 14.90 -9.42 -21.37
C GLY A 87 13.70 -8.50 -21.54
N VAL A 88 13.25 -7.94 -20.43
CA VAL A 88 12.14 -6.98 -20.44
C VAL A 88 12.55 -5.83 -19.56
N ALA A 89 12.36 -4.57 -20.02
CA ALA A 89 12.53 -3.39 -19.19
C ALA A 89 11.15 -2.75 -19.16
N HIS A 90 10.50 -2.76 -17.98
CA HIS A 90 9.17 -2.14 -17.87
C HIS A 90 9.34 -0.75 -17.31
N ILE A 91 9.10 0.24 -18.16
CA ILE A 91 9.36 1.64 -17.83
C ILE A 91 8.10 2.46 -17.79
N ALA A 92 7.06 2.10 -18.55
CA ALA A 92 5.86 2.91 -18.63
C ALA A 92 5.10 3.03 -17.31
N SER A 93 4.79 4.25 -16.95
CA SER A 93 3.99 4.52 -15.75
C SER A 93 3.53 5.97 -15.79
N PRO A 94 2.38 6.34 -15.17
CA PRO A 94 1.96 7.76 -15.24
C PRO A 94 2.89 8.73 -14.48
N VAL A 95 3.46 9.72 -15.17
CA VAL A 95 4.35 10.72 -14.54
C VAL A 95 3.81 12.14 -14.80
N SER A 96 2.49 12.28 -14.87
CA SER A 96 1.82 13.57 -15.08
C SER A 96 1.82 14.42 -13.79
N PHE A 97 2.07 13.79 -12.63
CA PHE A 97 1.91 14.42 -11.32
C PHE A 97 0.46 14.85 -11.11
N SER A 98 -0.51 14.15 -11.75
CA SER A 98 -1.91 14.40 -11.52
C SER A 98 -2.25 14.12 -10.05
N PRO A 99 -3.08 14.99 -9.43
CA PRO A 99 -3.53 14.72 -8.06
C PRO A 99 -4.66 13.68 -8.00
N LYS A 100 -5.10 13.13 -9.17
CA LYS A 100 -6.21 12.16 -9.21
C LYS A 100 -5.64 10.77 -9.03
N TYR A 101 -5.76 10.25 -7.80
CA TYR A 101 -5.24 8.94 -7.41
C TYR A 101 -5.63 7.83 -8.39
N ASP A 102 -6.91 7.75 -8.74
CA ASP A 102 -7.40 6.66 -9.59
C ASP A 102 -6.87 6.75 -11.04
N GLU A 103 -6.22 7.85 -11.43
CA GLU A 103 -5.64 7.97 -12.77
C GLU A 103 -4.15 7.60 -12.79
N VAL A 104 -3.50 7.47 -11.62
CA VAL A 104 -2.07 7.26 -11.55
C VAL A 104 -1.74 5.90 -10.94
N VAL A 105 -2.34 5.59 -9.78
CA VAL A 105 -2.00 4.35 -9.07
C VAL A 105 -2.42 3.07 -9.84
N PRO A 106 -3.68 2.98 -10.38
CA PRO A 106 -4.04 1.73 -11.11
C PRO A 106 -3.15 1.44 -12.33
N PRO A 107 -2.83 2.38 -13.25
CA PRO A 107 -1.94 2.02 -14.37
C PRO A 107 -0.53 1.67 -13.91
N ALA A 108 -0.02 2.31 -12.81
CA ALA A 108 1.31 1.97 -12.32
C ALA A 108 1.35 0.50 -11.85
N ILE A 109 0.39 0.11 -11.01
CA ILE A 109 0.39 -1.26 -10.47
C ILE A 109 0.00 -2.28 -11.56
N GLY A 110 -1.07 -1.99 -12.26
CA GLY A 110 -1.61 -2.90 -13.27
C GLY A 110 -0.65 -3.14 -14.42
N GLY A 111 0.02 -2.08 -14.88
CA GLY A 111 0.99 -2.22 -15.96
C GLY A 111 2.15 -3.10 -15.54
N THR A 112 2.63 -2.90 -14.29
CA THR A 112 3.76 -3.65 -13.74
C THR A 112 3.41 -5.12 -13.62
N LEU A 113 2.24 -5.42 -13.03
CA LEU A 113 1.88 -6.81 -12.82
C LEU A 113 1.55 -7.50 -14.15
N ASN A 114 0.96 -6.78 -15.11
CA ASN A 114 0.65 -7.38 -16.41
C ASN A 114 1.95 -7.71 -17.15
N ALA A 115 3.00 -6.87 -17.01
CA ALA A 115 4.28 -7.16 -17.67
C ALA A 115 4.94 -8.35 -17.00
N LEU A 116 4.90 -8.40 -15.64
CA LEU A 116 5.53 -9.52 -14.93
C LEU A 116 4.84 -10.83 -15.27
N ARG A 117 3.51 -10.82 -15.37
CA ARG A 117 2.79 -12.05 -15.72
C ARG A 117 3.10 -12.51 -17.14
N ALA A 118 3.26 -11.55 -18.09
CA ALA A 118 3.62 -11.93 -19.46
C ALA A 118 5.02 -12.55 -19.47
N ALA A 119 5.96 -11.96 -18.72
CA ALA A 119 7.32 -12.47 -18.63
C ALA A 119 7.34 -13.89 -18.00
N ALA A 120 6.55 -14.09 -16.95
CA ALA A 120 6.49 -15.39 -16.26
C ALA A 120 5.99 -16.50 -17.19
N ALA A 121 5.08 -16.16 -18.13
CA ALA A 121 4.53 -17.12 -19.09
C ALA A 121 5.43 -17.33 -20.33
N THR A 122 6.55 -16.62 -20.43
CA THR A 122 7.41 -16.66 -21.59
C THR A 122 8.79 -17.23 -21.21
N PRO A 123 9.05 -18.54 -21.45
CA PRO A 123 10.36 -19.13 -21.08
C PRO A 123 11.65 -18.43 -21.57
N SER A 124 11.62 -17.71 -22.71
CA SER A 124 12.81 -16.99 -23.18
C SER A 124 13.22 -15.85 -22.28
N VAL A 125 12.29 -15.29 -21.49
CA VAL A 125 12.64 -14.13 -20.65
C VAL A 125 13.50 -14.59 -19.48
N LYS A 126 14.77 -14.13 -19.42
CA LYS A 126 15.70 -14.48 -18.35
C LYS A 126 15.85 -13.37 -17.31
N ARG A 127 15.69 -12.10 -17.73
CA ARG A 127 15.86 -10.97 -16.82
C ARG A 127 14.75 -9.99 -17.05
N PHE A 128 14.34 -9.32 -15.99
CA PHE A 128 13.33 -8.29 -16.03
C PHE A 128 13.86 -7.14 -15.19
N VAL A 129 13.83 -5.89 -15.72
CA VAL A 129 14.21 -4.72 -14.94
C VAL A 129 13.00 -3.81 -14.87
N LEU A 130 12.62 -3.39 -13.67
CA LEU A 130 11.47 -2.50 -13.49
C LEU A 130 12.00 -1.11 -13.14
N THR A 131 11.48 -0.05 -13.80
CA THR A 131 11.90 1.30 -13.41
C THR A 131 11.00 1.73 -12.26
N SER A 132 11.56 1.75 -11.08
CA SER A 132 10.88 2.27 -9.90
C SER A 132 11.32 3.75 -9.78
N SER A 133 11.53 4.28 -8.57
CA SER A 133 11.95 5.66 -8.39
C SER A 133 12.61 5.76 -7.04
N MET A 134 13.51 6.76 -6.88
CA MET A 134 14.02 7.08 -5.53
C MET A 134 12.81 7.38 -4.56
N MET A 135 11.68 7.83 -5.12
CA MET A 135 10.48 8.10 -4.33
C MET A 135 9.78 6.83 -3.81
N ALA A 136 10.17 5.65 -4.27
CA ALA A 136 9.67 4.41 -3.69
C ALA A 136 10.36 4.16 -2.34
N ALA A 137 11.47 4.90 -2.00
CA ALA A 137 12.15 4.82 -0.72
C ALA A 137 11.84 6.07 0.10
N ILE A 138 11.91 7.27 -0.52
CA ILE A 138 11.70 8.50 0.24
C ILE A 138 11.40 9.68 -0.66
N VAL A 139 10.62 10.63 -0.15
CA VAL A 139 10.46 11.97 -0.73
C VAL A 139 11.27 12.79 0.34
N PRO A 140 12.53 13.17 0.11
CA PRO A 140 13.30 13.84 1.19
C PRO A 140 12.78 15.20 1.64
N LYS A 141 12.93 15.45 2.96
CA LYS A 141 12.60 16.70 3.63
C LYS A 141 13.91 17.51 3.68
N PRO A 142 13.83 18.86 3.75
CA PRO A 142 15.07 19.65 3.71
C PRO A 142 15.91 19.55 4.94
N ASN A 143 17.25 19.46 4.77
CA ASN A 143 18.19 19.50 5.90
C ASN A 143 17.85 18.59 7.07
N VAL A 144 17.46 17.34 6.78
CA VAL A 144 17.18 16.36 7.81
C VAL A 144 18.39 15.46 7.81
N PRO A 145 19.21 15.47 8.87
CA PRO A 145 20.42 14.64 8.87
C PRO A 145 20.18 13.18 9.22
N GLY A 146 21.17 12.34 8.95
CA GLY A 146 21.19 10.94 9.33
C GLY A 146 20.23 10.00 8.62
N ILE A 147 19.68 10.40 7.46
CA ILE A 147 18.78 9.53 6.73
C ILE A 147 19.61 8.75 5.73
N TYR A 148 19.61 7.43 5.85
CA TYR A 148 20.36 6.56 4.96
C TYR A 148 19.35 5.62 4.34
N LEU A 149 19.29 5.58 2.99
CA LEU A 149 18.37 4.73 2.25
C LEU A 149 19.12 3.55 1.67
N ASP A 150 18.58 2.36 1.87
CA ASP A 150 19.20 1.15 1.36
C ASP A 150 18.17 0.26 0.67
N GLU A 151 18.53 -0.99 0.30
CA GLU A 151 17.59 -1.84 -0.43
C GLU A 151 16.38 -2.29 0.41
N LYS A 152 16.36 -1.97 1.73
CA LYS A 152 15.20 -2.28 2.56
C LYS A 152 14.31 -1.05 2.80
N SER A 153 14.62 0.12 2.19
CA SER A 153 13.84 1.33 2.44
C SER A 153 12.61 1.40 1.59
N TRP A 154 11.44 1.68 2.22
CA TRP A 154 10.17 1.82 1.51
C TRP A 154 9.43 3.08 1.97
N ASN A 155 8.85 3.77 1.00
CA ASN A 155 8.17 5.03 1.29
C ASN A 155 6.74 4.79 1.78
N LEU A 156 6.64 4.30 3.02
CA LEU A 156 5.32 4.10 3.63
C LEU A 156 4.64 5.41 3.91
N GLU A 157 5.40 6.53 4.10
CA GLU A 157 4.78 7.85 4.28
C GLU A 157 3.90 8.19 3.04
N SER A 158 4.35 7.81 1.83
CA SER A 158 3.57 8.14 0.63
C SER A 158 2.24 7.39 0.55
N ILE A 159 2.18 6.18 1.07
N ILE A 159 2.17 6.18 1.13
CA ILE A 159 0.93 5.42 1.03
CA ILE A 159 0.97 5.31 1.21
C ILE A 159 -0.12 6.18 1.89
C ILE A 159 -0.13 5.96 2.10
N ASP A 160 0.31 6.77 3.05
CA ASP A 160 -0.56 7.59 3.89
C ASP A 160 -0.96 8.87 3.09
N LYS A 161 0.03 9.69 2.71
CA LYS A 161 -0.26 11.01 2.12
C LYS A 161 -1.02 10.95 0.80
N ALA A 162 -0.72 9.97 -0.02
CA ALA A 162 -1.42 9.84 -1.31
C ALA A 162 -2.91 9.65 -1.14
N VAL A 163 -3.33 8.95 -0.08
CA VAL A 163 -4.77 8.75 0.14
C VAL A 163 -5.39 9.78 1.07
N THR A 164 -4.66 10.26 2.09
CA THR A 164 -5.29 11.15 3.09
C THR A 164 -5.23 12.64 2.76
N LEU A 165 -4.29 13.09 1.91
CA LEU A 165 -4.26 14.52 1.58
C LEU A 165 -5.45 14.83 0.70
N PRO A 166 -6.10 16.01 0.87
CA PRO A 166 -7.19 16.35 -0.06
C PRO A 166 -6.66 16.53 -1.48
N GLU A 167 -7.54 16.33 -2.50
CA GLU A 167 -7.11 16.51 -3.87
C GLU A 167 -6.57 17.94 -4.15
N SER A 168 -7.03 18.94 -3.37
CA SER A 168 -6.61 20.33 -3.52
C SER A 168 -5.21 20.64 -2.96
N HIS A 169 -4.59 19.69 -2.22
CA HIS A 169 -3.28 19.98 -1.64
C HIS A 169 -2.24 20.21 -2.72
N LYS A 170 -1.39 21.25 -2.55
CA LYS A 170 -0.36 21.57 -3.54
C LYS A 170 0.57 20.38 -3.88
N GLU A 171 0.83 19.49 -2.91
CA GLU A 171 1.72 18.33 -3.08
C GLU A 171 0.94 17.03 -3.36
N LYS A 172 -0.40 17.05 -3.54
CA LYS A 172 -1.16 15.81 -3.77
C LYS A 172 -0.58 14.96 -4.93
N GLY A 173 -0.34 15.59 -6.08
CA GLY A 173 0.19 14.86 -7.23
C GLY A 173 1.55 14.24 -6.95
N LEU A 174 2.42 14.96 -6.22
CA LEU A 174 3.73 14.43 -5.86
C LEU A 174 3.57 13.15 -5.00
N TRP A 175 2.70 13.20 -3.99
CA TRP A 175 2.51 12.04 -3.11
C TRP A 175 1.79 10.88 -3.79
N VAL A 176 0.82 11.21 -4.67
CA VAL A 176 0.12 10.17 -5.45
C VAL A 176 1.16 9.44 -6.33
N TYR A 177 2.03 10.22 -6.98
CA TYR A 177 3.08 9.62 -7.82
C TYR A 177 4.03 8.75 -6.95
N ALA A 178 4.50 9.27 -5.80
CA ALA A 178 5.40 8.49 -4.97
C ALA A 178 4.72 7.17 -4.50
N ALA A 179 3.44 7.24 -4.11
CA ALA A 179 2.73 6.03 -3.69
C ALA A 179 2.61 5.03 -4.84
N SER A 180 2.35 5.53 -6.07
CA SER A 180 2.21 4.63 -7.21
C SER A 180 3.50 3.87 -7.47
N LYS A 181 4.66 4.54 -7.31
CA LYS A 181 5.95 3.87 -7.48
C LYS A 181 6.22 2.88 -6.35
N THR A 182 5.96 3.31 -5.11
CA THR A 182 6.16 2.51 -3.93
C THR A 182 5.34 1.20 -3.99
N MET A 183 4.04 1.32 -4.31
CA MET A 183 3.14 0.15 -4.34
C MET A 183 3.46 -0.76 -5.53
N ALA A 184 3.73 -0.14 -6.69
CA ALA A 184 4.06 -0.99 -7.86
C ALA A 184 5.32 -1.79 -7.62
N GLU A 185 6.35 -1.17 -7.00
CA GLU A 185 7.61 -1.89 -6.82
C GLU A 185 7.44 -2.92 -5.72
N MET A 186 6.73 -2.57 -4.63
CA MET A 186 6.45 -3.58 -3.58
C MET A 186 5.74 -4.82 -4.17
N LEU A 187 4.73 -4.58 -5.02
CA LEU A 187 3.97 -5.69 -5.59
C LEU A 187 4.79 -6.48 -6.60
N ALA A 188 5.78 -5.82 -7.26
CA ALA A 188 6.68 -6.53 -8.16
C ALA A 188 7.50 -7.55 -7.35
N TRP A 189 8.09 -7.15 -6.20
CA TRP A 189 8.89 -8.10 -5.42
C TRP A 189 8.01 -9.20 -4.83
N HIS A 190 6.76 -8.86 -4.45
CA HIS A 190 5.83 -9.85 -3.92
C HIS A 190 5.51 -10.88 -5.01
N PHE A 191 5.31 -10.43 -6.27
CA PHE A 191 5.03 -11.32 -7.40
C PHE A 191 6.15 -12.37 -7.53
N MET A 192 7.42 -11.92 -7.39
CA MET A 192 8.55 -12.86 -7.51
C MET A 192 8.51 -13.86 -6.36
N ASP A 193 8.23 -13.38 -5.14
CA ASP A 193 8.20 -14.27 -3.97
C ASP A 193 7.05 -15.26 -4.06
N GLU A 194 5.89 -14.81 -4.50
CA GLU A 194 4.70 -15.67 -4.58
C GLU A 194 4.74 -16.68 -5.71
N ASN A 195 5.12 -16.25 -6.90
CA ASN A 195 5.05 -17.10 -8.09
C ASN A 195 6.36 -17.78 -8.46
N LYS A 196 7.52 -17.35 -7.90
CA LYS A 196 8.83 -17.95 -8.19
C LYS A 196 9.05 -18.20 -9.70
N PRO A 197 8.89 -17.17 -10.57
CA PRO A 197 9.06 -17.39 -12.01
C PRO A 197 10.49 -17.70 -12.43
N HIS A 198 10.68 -18.12 -13.70
CA HIS A 198 11.98 -18.51 -14.21
C HIS A 198 12.75 -17.35 -14.84
N PHE A 199 12.63 -16.17 -14.24
CA PHE A 199 13.42 -15.00 -14.60
C PHE A 199 13.81 -14.30 -13.30
N THR A 200 14.85 -13.46 -13.38
CA THR A 200 15.32 -12.72 -12.21
C THR A 200 14.92 -11.28 -12.36
N LEU A 201 14.45 -10.68 -11.27
CA LEU A 201 14.07 -9.27 -11.28
C LEU A 201 15.19 -8.44 -10.68
N ASN A 202 15.37 -7.23 -11.21
CA ASN A 202 16.17 -6.15 -10.62
C ASN A 202 15.32 -4.88 -10.80
N THR A 203 15.47 -3.87 -9.93
CA THR A 203 14.77 -2.59 -10.11
C THR A 203 15.77 -1.47 -10.10
N VAL A 204 15.43 -0.39 -10.81
CA VAL A 204 16.27 0.82 -10.83
C VAL A 204 15.43 1.92 -10.25
N LEU A 205 16.00 2.70 -9.31
CA LEU A 205 15.31 3.77 -8.61
C LEU A 205 16.01 5.09 -8.93
N PRO A 206 15.67 5.71 -10.07
CA PRO A 206 16.33 6.99 -10.39
C PRO A 206 15.93 8.14 -9.51
N ALA A 207 16.87 9.07 -9.36
CA ALA A 207 16.66 10.39 -8.78
C ALA A 207 16.22 11.34 -9.97
N TYR A 208 16.31 12.68 -9.81
CA TYR A 208 15.89 13.62 -10.83
C TYR A 208 16.78 13.46 -12.05
N THR A 209 16.23 12.96 -13.15
CA THR A 209 17.03 12.54 -14.31
C THR A 209 17.23 13.64 -15.33
N ILE A 210 18.51 13.98 -15.57
CA ILE A 210 18.93 15.08 -16.44
C ILE A 210 19.77 14.55 -17.59
N GLY A 211 19.37 14.88 -18.81
CA GLY A 211 20.14 14.51 -19.98
C GLY A 211 19.46 14.88 -21.25
N THR A 212 20.07 14.45 -22.35
CA THR A 212 19.60 14.81 -23.69
C THR A 212 18.16 14.44 -23.93
N ILE A 213 17.37 15.32 -24.55
CA ILE A 213 16.02 14.95 -24.98
C ILE A 213 16.19 14.61 -26.47
N PHE A 214 16.15 13.31 -26.80
CA PHE A 214 16.41 12.86 -28.17
C PHE A 214 15.43 13.38 -29.20
N ASP A 215 14.15 13.47 -28.85
CA ASP A 215 13.14 13.91 -29.83
C ASP A 215 12.28 14.99 -29.19
N PRO A 216 12.74 16.25 -29.09
CA PRO A 216 11.90 17.29 -28.44
C PRO A 216 10.55 17.52 -29.11
N GLU A 217 10.38 17.13 -30.39
CA GLU A 217 9.11 17.33 -31.09
C GLU A 217 7.97 16.49 -30.52
N THR A 218 8.21 15.22 -30.14
CA THR A 218 7.13 14.40 -29.55
C THR A 218 7.51 13.85 -28.17
N GLN A 219 8.60 14.33 -27.54
CA GLN A 219 8.90 13.96 -26.17
C GLN A 219 8.86 15.24 -25.32
N SER A 220 8.04 15.23 -24.25
CA SER A 220 8.02 16.31 -23.27
C SER A 220 9.39 16.40 -22.56
N GLY A 221 10.06 15.26 -22.40
CA GLY A 221 11.34 15.20 -21.71
C GLY A 221 11.18 15.05 -20.22
N SER A 222 9.93 14.92 -19.69
CA SER A 222 9.71 14.74 -18.25
C SER A 222 10.57 15.76 -17.40
N THR A 223 11.43 15.25 -16.54
CA THR A 223 12.27 16.07 -15.68
C THR A 223 13.22 16.95 -16.45
N SER A 224 13.78 16.44 -17.55
CA SER A 224 14.70 17.26 -18.34
C SER A 224 13.94 18.33 -19.13
N GLY A 225 12.67 18.10 -19.44
CA GLY A 225 11.83 19.13 -20.07
C GLY A 225 11.66 20.31 -19.15
N ILE A 226 11.52 20.07 -17.84
CA ILE A 226 11.42 21.16 -16.85
C ILE A 226 12.74 21.95 -16.86
N VAL A 227 13.88 21.24 -16.91
CA VAL A 227 15.19 21.91 -16.93
C VAL A 227 15.31 22.76 -18.24
N MET A 228 14.92 22.19 -19.39
CA MET A 228 14.99 22.88 -20.66
C MET A 228 14.09 24.11 -20.65
N LYS A 229 12.89 24.02 -20.03
CA LYS A 229 12.02 25.22 -19.95
C LYS A 229 12.73 26.34 -19.18
N LEU A 230 13.37 25.98 -18.04
CA LEU A 230 14.12 26.93 -17.22
C LEU A 230 15.28 27.54 -17.98
N PHE A 231 15.99 26.73 -18.77
CA PHE A 231 17.07 27.25 -19.64
C PHE A 231 16.51 28.35 -20.59
N ASN A 232 15.26 28.14 -21.08
CA ASN A 232 14.61 29.12 -21.96
C ASN A 232 13.93 30.27 -21.18
N GLY A 233 14.06 30.29 -19.86
CA GLY A 233 13.53 31.39 -19.04
C GLY A 233 12.13 31.18 -18.49
N GLU A 234 11.56 29.98 -18.69
CA GLU A 234 10.22 29.62 -18.26
C GLU A 234 10.24 28.77 -17.00
N VAL A 235 9.56 29.24 -15.94
CA VAL A 235 9.49 28.51 -14.68
C VAL A 235 8.22 27.65 -14.75
N SER A 236 8.38 26.35 -14.99
CA SER A 236 7.25 25.42 -15.10
C SER A 236 6.42 25.43 -13.82
N PRO A 237 5.08 25.29 -13.89
CA PRO A 237 4.31 25.16 -12.64
C PRO A 237 4.72 23.92 -11.84
N MET A 238 5.25 22.89 -12.50
CA MET A 238 5.67 21.67 -11.81
C MET A 238 7.01 21.83 -11.09
N LEU A 239 7.84 22.86 -11.45
CA LEU A 239 9.14 23.03 -10.80
C LEU A 239 9.04 23.11 -9.27
N ALA A 240 8.02 23.84 -8.73
CA ALA A 240 7.85 23.97 -7.28
C ALA A 240 7.60 22.62 -6.56
N LEU A 241 7.28 21.56 -7.30
CA LEU A 241 7.14 20.21 -6.69
C LEU A 241 8.50 19.51 -6.49
N PHE A 242 9.58 20.03 -7.06
CA PHE A 242 10.89 19.41 -6.96
C PHE A 242 11.84 20.30 -6.20
N GLY A 243 11.88 20.09 -4.90
CA GLY A 243 12.80 20.83 -4.04
C GLY A 243 14.19 20.21 -4.08
N PRO A 244 15.11 20.62 -3.21
CA PRO A 244 16.46 20.00 -3.20
C PRO A 244 16.36 18.48 -3.04
N GLN A 245 17.00 17.77 -3.96
CA GLN A 245 16.98 16.31 -4.01
C GLN A 245 18.19 15.88 -4.85
N HIS A 246 18.39 14.57 -5.06
CA HIS A 246 19.51 14.11 -5.87
C HIS A 246 19.21 14.24 -7.36
N TYR A 247 20.27 14.36 -8.16
CA TYR A 247 20.17 14.29 -9.62
C TYR A 247 20.82 12.97 -10.04
N VAL A 248 20.59 12.62 -11.31
CA VAL A 248 21.30 11.54 -11.99
C VAL A 248 21.31 11.80 -13.48
N SER A 249 22.38 11.41 -14.16
CA SER A 249 22.44 11.52 -15.60
C SER A 249 21.48 10.53 -16.29
N ALA A 250 20.76 10.96 -17.34
CA ALA A 250 19.90 10.05 -18.13
C ALA A 250 20.73 8.97 -18.80
N PHE A 251 21.98 9.30 -19.18
CA PHE A 251 22.91 8.33 -19.76
C PHE A 251 23.21 7.26 -18.71
N ASP A 252 23.49 7.67 -17.46
CA ASP A 252 23.76 6.69 -16.41
C ASP A 252 22.53 5.83 -16.12
N ILE A 253 21.32 6.41 -16.19
CA ILE A 253 20.11 5.61 -15.96
C ILE A 253 19.96 4.56 -17.06
N GLY A 254 20.28 4.92 -18.31
CA GLY A 254 20.28 3.94 -19.41
C GLY A 254 21.26 2.80 -19.11
N LEU A 255 22.48 3.14 -18.62
CA LEU A 255 23.44 2.09 -18.25
C LEU A 255 22.96 1.24 -17.08
N LEU A 256 22.32 1.85 -16.08
CA LEU A 256 21.86 1.04 -14.90
C LEU A 256 20.85 -0.01 -15.33
N HIS A 257 19.91 0.35 -16.23
CA HIS A 257 18.96 -0.63 -16.73
C HIS A 257 19.68 -1.70 -17.55
N LEU A 258 20.65 -1.30 -18.39
CA LEU A 258 21.44 -2.28 -19.16
C LEU A 258 22.16 -3.28 -18.24
N GLY A 259 22.81 -2.79 -17.17
CA GLY A 259 23.49 -3.68 -16.24
C GLY A 259 22.56 -4.61 -15.54
N CYS A 260 21.36 -4.11 -15.18
CA CYS A 260 20.36 -4.96 -14.54
C CYS A 260 19.89 -6.06 -15.47
N LEU A 261 19.86 -5.79 -16.78
CA LEU A 261 19.43 -6.82 -17.73
C LEU A 261 20.49 -7.84 -18.08
N VAL A 262 21.80 -7.45 -18.08
CA VAL A 262 22.83 -8.33 -18.65
C VAL A 262 23.98 -8.70 -17.72
N LEU A 263 24.20 -8.01 -16.55
CA LEU A 263 25.35 -8.39 -15.72
C LEU A 263 25.03 -9.56 -14.80
N PRO A 264 25.87 -10.62 -14.82
CA PRO A 264 25.55 -11.78 -13.98
C PRO A 264 25.60 -11.49 -12.48
N GLN A 265 26.39 -10.51 -12.07
CA GLN A 265 26.54 -10.23 -10.65
C GLN A 265 25.44 -9.35 -10.05
N ILE A 266 24.42 -8.97 -10.86
CA ILE A 266 23.32 -8.13 -10.34
C ILE A 266 22.04 -8.92 -10.39
N GLU A 267 21.57 -9.41 -9.24
CA GLU A 267 20.34 -10.20 -9.17
C GLU A 267 19.53 -9.80 -7.92
N ARG A 268 18.20 -9.60 -8.06
CA ARG A 268 17.31 -9.29 -6.93
C ARG A 268 17.74 -8.01 -6.20
N ARG A 269 18.22 -7.05 -6.95
CA ARG A 269 18.70 -5.79 -6.39
C ARG A 269 17.77 -4.62 -6.67
N ARG A 270 17.83 -3.62 -5.78
CA ARG A 270 17.15 -2.34 -5.93
C ARG A 270 18.29 -1.39 -6.12
N VAL A 271 18.46 -0.88 -7.34
CA VAL A 271 19.64 -0.11 -7.71
C VAL A 271 19.32 1.36 -7.72
N TYR A 272 19.85 2.11 -6.76
CA TYR A 272 19.61 3.56 -6.70
C TYR A 272 20.36 4.33 -7.80
N GLY A 273 19.63 5.19 -8.54
CA GLY A 273 20.22 6.03 -9.56
C GLY A 273 20.35 7.42 -9.00
N THR A 274 21.21 7.56 -7.98
CA THR A 274 21.30 8.78 -7.18
C THR A 274 22.77 9.24 -7.14
N ALA A 275 23.12 10.23 -7.98
CA ALA A 275 24.50 10.67 -8.07
C ALA A 275 24.92 11.61 -6.94
N ALA A 276 24.18 12.69 -6.73
CA ALA A 276 24.53 13.65 -5.69
C ALA A 276 23.39 14.60 -5.49
N PRO A 277 23.38 15.35 -4.38
CA PRO A 277 22.34 16.36 -4.22
C PRO A 277 22.53 17.48 -5.24
N PHE A 278 21.44 18.16 -5.58
CA PHE A 278 21.44 19.38 -6.39
C PHE A 278 20.31 20.28 -5.94
N ASP A 279 20.37 21.53 -6.36
CA ASP A 279 19.26 22.45 -6.19
C ASP A 279 19.14 23.31 -7.44
N TRP A 280 17.98 23.96 -7.61
CA TRP A 280 17.73 24.74 -8.82
C TRP A 280 18.71 25.89 -9.01
N ASN A 281 19.26 26.44 -7.92
CA ASN A 281 20.27 27.49 -8.06
C ASN A 281 21.57 26.96 -8.63
N MET A 282 21.90 25.69 -8.36
CA MET A 282 23.06 25.08 -8.97
C MET A 282 22.81 24.92 -10.49
N VAL A 283 21.57 24.60 -10.89
CA VAL A 283 21.22 24.45 -12.31
C VAL A 283 21.44 25.80 -13.02
N LEU A 284 20.91 26.86 -12.43
CA LEU A 284 21.05 28.21 -13.03
C LEU A 284 22.52 28.62 -13.09
N ALA A 285 23.35 28.27 -12.05
CA ALA A 285 24.77 28.64 -12.11
C ALA A 285 25.47 27.92 -13.27
N VAL A 286 25.12 26.64 -13.52
CA VAL A 286 25.72 25.88 -14.63
C VAL A 286 25.27 26.52 -15.94
N PHE A 287 23.98 26.90 -16.07
CA PHE A 287 23.50 27.57 -17.27
C PHE A 287 24.30 28.82 -17.58
N ARG A 288 24.50 29.70 -16.56
CA ARG A 288 25.21 30.98 -16.79
C ARG A 288 26.68 30.73 -17.24
N LYS A 289 27.29 29.66 -16.74
CA LYS A 289 28.65 29.26 -17.08
C LYS A 289 28.71 28.75 -18.53
N LEU A 290 27.76 27.89 -18.90
CA LEU A 290 27.75 27.32 -20.24
C LEU A 290 27.32 28.30 -21.32
N TRP A 291 26.47 29.31 -20.96
CA TRP A 291 25.92 30.28 -21.91
C TRP A 291 26.05 31.73 -21.40
N PRO A 292 27.27 32.32 -21.40
CA PRO A 292 27.41 33.71 -20.89
C PRO A 292 26.60 34.82 -21.58
N SER A 293 26.19 34.63 -22.84
CA SER A 293 25.40 35.67 -23.54
C SER A 293 23.90 35.65 -23.26
N LYS A 294 23.40 34.54 -22.70
CA LYS A 294 21.99 34.45 -22.43
C LYS A 294 21.72 34.98 -21.03
N THR A 295 20.54 35.52 -20.83
CA THR A 295 20.08 35.91 -19.52
C THR A 295 19.32 34.67 -19.00
N PHE A 296 19.42 34.42 -17.70
CA PHE A 296 18.70 33.31 -17.07
C PHE A 296 17.88 33.84 -15.90
N PRO A 297 16.87 33.09 -15.43
CA PRO A 297 16.14 33.55 -14.24
C PRO A 297 17.05 33.84 -13.05
N ALA A 298 16.67 34.78 -12.18
CA ALA A 298 17.43 35.05 -10.96
C ALA A 298 17.32 33.81 -10.05
N ASP A 299 18.22 33.68 -9.06
CA ASP A 299 18.17 32.55 -8.14
C ASP A 299 16.82 32.47 -7.40
N PHE A 300 16.35 31.26 -7.16
CA PHE A 300 15.16 30.97 -6.38
C PHE A 300 15.52 31.13 -4.88
N PRO A 301 14.54 31.25 -3.95
CA PRO A 301 14.90 31.28 -2.52
C PRO A 301 15.64 30.01 -2.10
N ASP A 302 16.84 30.20 -1.50
CA ASP A 302 17.76 29.13 -1.07
C ASP A 302 17.03 28.27 -0.06
N GLN A 303 16.54 27.12 -0.52
CA GLN A 303 15.85 26.17 0.35
C GLN A 303 16.85 25.21 1.07
N GLY A 304 18.16 25.37 0.85
CA GLY A 304 19.18 24.53 1.47
C GLY A 304 19.49 23.28 0.66
N GLN A 305 19.77 22.12 1.31
CA GLN A 305 20.18 20.90 0.58
C GLN A 305 19.57 19.56 1.06
N ASP A 306 19.55 18.57 0.16
CA ASP A 306 19.13 17.21 0.51
C ASP A 306 20.36 16.56 1.16
N LEU A 307 20.22 16.11 2.40
CA LEU A 307 21.31 15.47 3.12
C LEU A 307 21.22 13.94 3.10
N SER A 308 20.22 13.37 2.38
CA SER A 308 20.03 11.92 2.31
C SER A 308 21.24 11.27 1.68
N VAL A 309 21.56 10.05 2.15
CA VAL A 309 22.64 9.25 1.60
C VAL A 309 22.00 7.95 1.13
N PHE A 310 22.33 7.51 -0.08
CA PHE A 310 21.81 6.26 -0.65
C PHE A 310 22.89 5.20 -0.75
N ASP A 311 22.47 3.93 -0.62
CA ASP A 311 23.38 2.82 -0.82
C ASP A 311 23.54 2.63 -2.33
N THR A 312 24.62 3.13 -2.91
CA THR A 312 24.82 3.01 -4.37
C THR A 312 25.84 1.94 -4.71
N ARG A 313 26.06 0.94 -3.83
CA ARG A 313 27.05 -0.07 -4.13
C ARG A 313 26.72 -0.87 -5.41
N PRO A 314 25.48 -1.39 -5.65
CA PRO A 314 25.22 -2.08 -6.92
C PRO A 314 25.23 -1.13 -8.12
N SER A 315 24.83 0.14 -7.94
CA SER A 315 24.85 1.13 -9.00
C SER A 315 26.30 1.33 -9.50
N LEU A 316 27.24 1.54 -8.57
CA LEU A 316 28.64 1.76 -8.95
C LEU A 316 29.28 0.50 -9.50
N GLU A 317 28.88 -0.69 -9.03
CA GLU A 317 29.35 -1.94 -9.61
C GLU A 317 28.93 -2.03 -11.09
N ILE A 318 27.68 -1.65 -11.41
CA ILE A 318 27.21 -1.70 -12.79
C ILE A 318 28.01 -0.66 -13.63
N LEU A 319 28.10 0.60 -13.16
CA LEU A 319 28.79 1.63 -13.95
C LEU A 319 30.25 1.24 -14.21
N LYS A 320 30.94 0.69 -13.20
CA LYS A 320 32.34 0.25 -13.39
C LYS A 320 32.43 -0.94 -14.35
N SER A 321 31.52 -1.90 -14.24
CA SER A 321 31.50 -3.04 -15.15
C SER A 321 31.22 -2.61 -16.59
N LEU A 322 30.49 -1.51 -16.79
CA LEU A 322 30.22 -1.01 -18.13
C LEU A 322 31.23 0.05 -18.61
N GLY A 323 32.42 0.08 -18.01
CA GLY A 323 33.51 0.97 -18.42
C GLY A 323 33.53 2.39 -17.89
N ARG A 324 32.67 2.76 -16.92
CA ARG A 324 32.68 4.12 -16.39
C ARG A 324 33.50 4.24 -15.12
N GLU A 325 33.94 5.47 -14.79
CA GLU A 325 34.69 5.71 -13.54
C GLU A 325 33.74 5.87 -12.32
N GLY A 326 32.54 6.34 -12.60
CA GLY A 326 31.54 6.62 -11.59
C GLY A 326 30.38 7.37 -12.23
N TRP A 327 29.69 8.17 -11.44
CA TRP A 327 28.55 8.94 -11.96
C TRP A 327 29.01 10.04 -12.90
N ARG A 328 28.21 10.29 -13.91
CA ARG A 328 28.45 11.40 -14.84
C ARG A 328 28.13 12.67 -14.05
N SER A 329 29.01 13.69 -14.14
CA SER A 329 28.88 14.87 -13.32
C SER A 329 27.60 15.68 -13.60
N PHE A 330 27.26 16.54 -12.63
CA PHE A 330 26.11 17.42 -12.76
C PHE A 330 26.28 18.37 -13.97
N GLU A 331 27.44 19.03 -14.08
CA GLU A 331 27.70 19.93 -15.19
C GLU A 331 27.62 19.21 -16.54
N ASP A 332 28.19 17.98 -16.65
CA ASP A 332 28.11 17.24 -17.92
C ASP A 332 26.68 16.78 -18.22
N SER A 333 25.88 16.44 -17.18
CA SER A 333 24.49 16.04 -17.39
C SER A 333 23.68 17.19 -17.92
N ILE A 334 23.90 18.41 -17.40
CA ILE A 334 23.19 19.59 -17.89
C ILE A 334 23.70 19.92 -19.30
N LYS A 335 25.00 19.81 -19.56
CA LYS A 335 25.53 20.08 -20.89
C LYS A 335 24.95 19.07 -21.92
N ASP A 336 24.66 17.82 -21.50
CA ASP A 336 24.01 16.85 -22.40
C ASP A 336 22.65 17.36 -22.89
N LEU A 337 21.95 18.13 -22.04
CA LEU A 337 20.64 18.67 -22.38
C LEU A 337 20.69 20.00 -23.12
N VAL A 338 21.47 20.97 -22.60
CA VAL A 338 21.42 22.33 -23.17
C VAL A 338 22.62 22.72 -23.99
N GLY A 339 23.67 21.89 -24.02
CA GLY A 339 24.90 22.19 -24.76
C GLY A 339 25.64 23.36 -24.14
N SER A 340 26.54 23.98 -24.91
CA SER A 340 27.25 25.17 -24.46
C SER A 340 27.33 26.15 -25.61
N GLU A 341 27.45 27.44 -25.29
CA GLU A 341 27.42 28.49 -26.29
C GLU A 341 28.51 28.37 -27.35
N PHE A 342 29.70 27.85 -27.00
CA PHE A 342 30.82 27.72 -27.95
C PHE A 342 31.25 26.25 -28.07
N ILE B 4 -8.52 -7.73 37.24
CA ILE B 4 -7.48 -8.39 36.45
C ILE B 4 -6.12 -8.13 37.11
N ASP B 5 -5.44 -9.19 37.54
CA ASP B 5 -4.13 -9.05 38.19
C ASP B 5 -3.12 -8.50 37.19
N ASN B 6 -2.20 -7.66 37.68
CA ASN B 6 -1.13 -7.07 36.88
C ASN B 6 -1.59 -6.18 35.72
N ALA B 7 -2.88 -5.78 35.69
CA ALA B 7 -3.40 -4.89 34.64
C ALA B 7 -2.59 -3.60 34.56
N VAL B 8 -2.11 -3.28 33.33
CA VAL B 8 -1.24 -2.11 33.16
C VAL B 8 -2.00 -0.81 33.16
N LEU B 9 -3.33 -0.84 32.95
CA LEU B 9 -4.15 0.35 33.10
C LEU B 9 -4.87 0.21 34.46
N PRO B 10 -4.67 1.16 35.39
CA PRO B 10 -5.32 1.00 36.71
C PRO B 10 -6.82 0.88 36.62
N ALA B 11 -7.40 0.19 37.60
CA ALA B 11 -8.84 -0.03 37.70
C ALA B 11 -9.58 1.29 37.65
N GLY B 12 -10.62 1.38 36.82
CA GLY B 12 -11.39 2.60 36.67
C GLY B 12 -10.82 3.62 35.71
N SER B 13 -9.67 3.31 35.03
CA SER B 13 -9.09 4.22 34.06
C SER B 13 -10.06 4.44 32.89
N LEU B 14 -9.93 5.56 32.19
CA LEU B 14 -10.77 5.86 31.04
C LEU B 14 -10.12 5.29 29.77
N VAL B 15 -10.92 4.64 28.94
CA VAL B 15 -10.45 4.13 27.64
C VAL B 15 -11.29 4.79 26.55
N LEU B 16 -10.65 5.39 25.55
CA LEU B 16 -11.37 5.96 24.42
C LEU B 16 -11.64 4.81 23.43
N VAL B 17 -12.89 4.57 23.04
CA VAL B 17 -13.21 3.54 22.05
C VAL B 17 -13.84 4.22 20.86
N THR B 18 -13.22 4.17 19.68
CA THR B 18 -13.76 4.85 18.48
C THR B 18 -14.73 3.92 17.77
N GLY B 19 -15.77 4.45 17.15
CA GLY B 19 -16.77 3.63 16.48
C GLY B 19 -17.51 2.74 17.48
N ALA B 20 -17.84 3.30 18.66
CA ALA B 20 -18.50 2.53 19.71
C ALA B 20 -19.91 2.09 19.37
N ASN B 21 -20.56 2.73 18.37
CA ASN B 21 -21.89 2.31 17.97
C ASN B 21 -21.85 1.09 17.04
N GLY B 22 -20.69 0.76 16.47
CA GLY B 22 -20.57 -0.41 15.60
C GLY B 22 -20.66 -1.72 16.35
N PHE B 23 -20.75 -2.80 15.61
CA PHE B 23 -20.95 -4.13 16.19
C PHE B 23 -19.74 -4.53 17.05
N VAL B 24 -18.54 -4.61 16.46
CA VAL B 24 -17.35 -5.00 17.21
C VAL B 24 -17.06 -3.96 18.30
N GLY B 25 -17.18 -2.68 17.97
CA GLY B 25 -16.94 -1.63 18.95
C GLY B 25 -17.84 -1.74 20.17
N SER B 26 -19.14 -2.06 19.98
CA SER B 26 -20.04 -2.20 21.14
C SER B 26 -19.60 -3.38 22.05
N HIS B 27 -19.01 -4.46 21.46
CA HIS B 27 -18.53 -5.59 22.28
C HIS B 27 -17.25 -5.25 23.02
N VAL B 28 -16.39 -4.43 22.41
CA VAL B 28 -15.17 -3.96 23.06
C VAL B 28 -15.58 -3.06 24.22
N VAL B 29 -16.55 -2.14 24.01
CA VAL B 29 -17.05 -1.30 25.10
C VAL B 29 -17.63 -2.17 26.21
N GLU B 30 -18.48 -3.12 25.87
CA GLU B 30 -19.10 -4.03 26.87
C GLU B 30 -18.06 -4.71 27.76
N GLN B 31 -16.99 -5.28 27.16
CA GLN B 31 -16.00 -5.97 27.99
C GLN B 31 -15.15 -5.02 28.81
N LEU B 32 -14.91 -3.79 28.32
CA LEU B 32 -14.16 -2.82 29.13
C LEU B 32 -15.00 -2.43 30.35
N LEU B 33 -16.27 -2.15 30.13
CA LEU B 33 -17.17 -1.77 31.23
C LEU B 33 -17.33 -2.92 32.23
N GLU B 34 -17.47 -4.14 31.72
CA GLU B 34 -17.64 -5.36 32.54
C GLU B 34 -16.43 -5.58 33.48
N HIS B 35 -15.22 -5.18 33.03
CA HIS B 35 -14.02 -5.32 33.85
C HIS B 35 -13.62 -4.04 34.61
N GLY B 36 -14.58 -3.16 34.88
CA GLY B 36 -14.35 -1.99 35.72
C GLY B 36 -13.74 -0.74 35.12
N TYR B 37 -13.57 -0.67 33.77
CA TYR B 37 -13.03 0.52 33.15
C TYR B 37 -14.12 1.47 32.75
N LYS B 38 -13.81 2.77 32.71
CA LYS B 38 -14.75 3.76 32.21
C LYS B 38 -14.45 3.87 30.72
N VAL B 39 -15.48 4.20 29.93
CA VAL B 39 -15.30 4.29 28.49
C VAL B 39 -15.92 5.57 27.94
N ARG B 40 -15.22 6.23 27.02
CA ARG B 40 -15.74 7.32 26.21
C ARG B 40 -15.81 6.67 24.84
N GLY B 41 -17.02 6.51 24.33
CA GLY B 41 -17.23 5.89 23.03
C GLY B 41 -17.58 6.93 21.99
N THR B 42 -16.92 6.91 20.84
CA THR B 42 -17.21 7.89 19.79
C THR B 42 -18.17 7.34 18.77
N ALA B 43 -18.93 8.24 18.17
CA ALA B 43 -19.80 7.93 17.04
C ALA B 43 -19.92 9.19 16.16
N ARG B 44 -20.35 9.04 14.90
CA ARG B 44 -20.47 10.20 13.99
C ARG B 44 -21.61 11.15 14.39
N SER B 45 -22.49 10.74 15.34
CA SER B 45 -23.60 11.54 15.87
C SER B 45 -23.99 11.02 17.27
N ALA B 46 -24.61 11.86 18.10
CA ALA B 46 -25.08 11.43 19.42
C ALA B 46 -26.20 10.39 19.27
N SER B 47 -27.11 10.57 18.29
CA SER B 47 -28.24 9.65 18.10
C SER B 47 -27.77 8.25 17.72
N LYS B 48 -26.62 8.11 17.02
CA LYS B 48 -26.10 6.77 16.70
C LYS B 48 -25.78 5.96 17.94
N LEU B 49 -25.46 6.63 19.07
CA LEU B 49 -25.15 5.91 20.32
C LEU B 49 -26.28 5.95 21.34
N ALA B 50 -27.42 6.62 21.06
CA ALA B 50 -28.45 6.81 22.07
C ALA B 50 -28.93 5.53 22.73
N ASN B 51 -29.22 4.49 21.94
CA ASN B 51 -29.76 3.24 22.51
C ASN B 51 -28.70 2.51 23.28
N LEU B 52 -27.47 2.47 22.77
CA LEU B 52 -26.41 1.78 23.49
C LEU B 52 -26.05 2.50 24.77
N GLN B 53 -26.12 3.84 24.79
CA GLN B 53 -25.90 4.64 26.00
C GLN B 53 -26.96 4.27 27.04
N LYS B 54 -28.23 4.08 26.61
CA LYS B 54 -29.28 3.68 27.56
C LYS B 54 -29.01 2.29 28.15
N ARG B 55 -28.55 1.35 27.31
CA ARG B 55 -28.20 0.02 27.78
C ARG B 55 -27.07 0.08 28.79
N TRP B 56 -25.97 0.79 28.44
CA TRP B 56 -24.81 0.87 29.32
C TRP B 56 -25.08 1.69 30.57
N ASP B 57 -25.99 2.67 30.51
CA ASP B 57 -26.36 3.41 31.75
C ASP B 57 -27.12 2.51 32.71
N ALA B 58 -27.92 1.60 32.19
CA ALA B 58 -28.66 0.65 33.01
C ALA B 58 -27.74 -0.45 33.54
N LYS B 59 -26.86 -1.02 32.69
CA LYS B 59 -26.02 -2.13 33.10
C LYS B 59 -24.78 -1.69 33.89
N TYR B 60 -24.18 -0.56 33.52
CA TYR B 60 -22.95 -0.04 34.15
C TYR B 60 -23.14 1.44 34.50
N PRO B 61 -24.02 1.79 35.47
CA PRO B 61 -24.31 3.22 35.70
C PRO B 61 -23.08 4.10 35.91
N GLY B 62 -23.03 5.22 35.18
CA GLY B 62 -21.99 6.23 35.29
C GLY B 62 -20.64 5.84 34.76
N ARG B 63 -20.57 4.79 33.94
CA ARG B 63 -19.28 4.29 33.43
C ARG B 63 -19.06 4.56 31.96
N PHE B 64 -20.13 4.75 31.15
CA PHE B 64 -20.01 5.04 29.73
C PHE B 64 -20.42 6.48 29.41
N GLU B 65 -19.71 7.12 28.48
CA GLU B 65 -20.01 8.46 28.00
C GLU B 65 -19.94 8.53 26.45
N THR B 66 -20.92 9.20 25.81
CA THR B 66 -20.95 9.39 24.36
C THR B 66 -20.07 10.58 23.96
N ALA B 67 -19.34 10.48 22.84
CA ALA B 67 -18.57 11.58 22.27
C ALA B 67 -18.73 11.52 20.75
N VAL B 68 -18.81 12.69 20.07
CA VAL B 68 -19.01 12.73 18.63
C VAL B 68 -17.72 13.02 17.82
N VAL B 69 -17.44 12.22 16.77
CA VAL B 69 -16.38 12.46 15.80
C VAL B 69 -17.00 12.17 14.44
N GLU B 70 -17.35 13.22 13.65
CA GLU B 70 -18.03 13.03 12.36
C GLU B 70 -17.14 12.62 11.23
N ASP B 71 -15.87 13.06 11.24
CA ASP B 71 -14.94 12.84 10.13
C ASP B 71 -13.56 12.43 10.64
N MET B 72 -13.18 11.18 10.41
CA MET B 72 -11.89 10.68 10.86
C MET B 72 -10.72 11.13 10.03
N LEU B 73 -10.96 11.76 8.83
CA LEU B 73 -9.91 12.22 7.92
C LEU B 73 -9.45 13.64 8.24
N LYS B 74 -10.30 14.47 8.90
CA LYS B 74 -9.88 15.84 9.22
C LYS B 74 -8.73 15.77 10.22
N ASP B 75 -7.77 16.70 10.09
CA ASP B 75 -6.60 16.74 10.96
C ASP B 75 -7.06 17.05 12.37
N GLY B 76 -6.42 16.43 13.36
CA GLY B 76 -6.82 16.62 14.75
C GLY B 76 -8.18 16.03 15.09
N ALA B 77 -8.74 15.15 14.22
CA ALA B 77 -10.07 14.54 14.49
C ALA B 77 -10.29 14.06 15.92
N TYR B 78 -9.29 13.38 16.53
CA TYR B 78 -9.42 12.84 17.89
C TYR B 78 -8.73 13.67 18.99
N ASP B 79 -8.23 14.89 18.69
CA ASP B 79 -7.51 15.68 19.70
C ASP B 79 -8.31 16.09 20.94
N GLU B 80 -9.64 16.22 20.86
CA GLU B 80 -10.43 16.59 22.06
C GLU B 80 -10.86 15.31 22.81
N VAL B 81 -11.34 14.30 22.08
CA VAL B 81 -11.82 13.05 22.72
C VAL B 81 -10.71 12.23 23.39
N ILE B 82 -9.45 12.44 23.01
CA ILE B 82 -8.31 11.70 23.60
C ILE B 82 -7.97 12.17 25.03
N LYS B 83 -8.36 13.40 25.42
CA LYS B 83 -7.98 13.95 26.73
C LYS B 83 -8.55 13.13 27.90
N GLY B 84 -7.68 12.79 28.86
CA GLY B 84 -8.00 12.01 30.05
C GLY B 84 -7.87 10.49 29.91
N ALA B 85 -7.67 9.98 28.69
CA ALA B 85 -7.64 8.54 28.43
C ALA B 85 -6.31 7.88 28.79
N ALA B 86 -6.38 6.70 29.40
CA ALA B 86 -5.22 5.85 29.67
C ALA B 86 -5.00 4.82 28.52
N GLY B 87 -6.07 4.48 27.78
CA GLY B 87 -5.98 3.58 26.64
C GLY B 87 -6.89 4.04 25.52
N VAL B 88 -6.60 3.54 24.32
CA VAL B 88 -7.38 3.83 23.13
C VAL B 88 -7.63 2.54 22.41
N ALA B 89 -8.87 2.31 21.99
CA ALA B 89 -9.19 1.19 21.13
C ALA B 89 -9.74 1.83 19.86
N HIS B 90 -8.99 1.75 18.74
CA HIS B 90 -9.45 2.38 17.49
C HIS B 90 -10.10 1.28 16.66
N ILE B 91 -11.43 1.32 16.59
N ILE B 91 -11.42 1.32 16.61
CA ILE B 91 -12.23 0.26 15.93
CA ILE B 91 -12.24 0.28 15.96
C ILE B 91 -12.97 0.78 14.69
C ILE B 91 -12.81 0.80 14.63
N ALA B 92 -13.18 2.08 14.57
CA ALA B 92 -13.89 2.64 13.42
C ALA B 92 -13.16 2.50 12.09
N SER B 93 -13.87 1.94 11.12
CA SER B 93 -13.34 1.84 9.76
C SER B 93 -14.49 1.49 8.82
N PRO B 94 -14.47 1.89 7.52
CA PRO B 94 -15.61 1.54 6.65
C PRO B 94 -15.72 0.04 6.35
N VAL B 95 -16.88 -0.54 6.68
CA VAL B 95 -17.19 -1.97 6.48
C VAL B 95 -18.48 -2.07 5.62
N SER B 96 -18.69 -1.12 4.72
CA SER B 96 -19.84 -1.12 3.82
C SER B 96 -19.66 -2.14 2.68
N PHE B 97 -18.40 -2.60 2.42
CA PHE B 97 -18.05 -3.38 1.24
C PHE B 97 -18.37 -2.56 -0.04
N SER B 98 -18.25 -1.21 0.05
CA SER B 98 -18.43 -0.35 -1.12
C SER B 98 -17.30 -0.64 -2.10
N PRO B 99 -17.58 -0.72 -3.40
CA PRO B 99 -16.52 -0.91 -4.38
C PRO B 99 -15.75 0.39 -4.70
N LYS B 100 -16.15 1.53 -4.08
CA LYS B 100 -15.53 2.83 -4.32
C LYS B 100 -14.30 2.93 -3.44
N TYR B 101 -13.13 2.69 -4.03
CA TYR B 101 -11.85 2.73 -3.33
C TYR B 101 -11.68 4.02 -2.48
N ASP B 102 -11.96 5.19 -3.11
CA ASP B 102 -11.75 6.48 -2.45
C ASP B 102 -12.69 6.73 -1.29
N GLU B 103 -13.76 5.93 -1.12
CA GLU B 103 -14.67 6.05 0.01
C GLU B 103 -14.27 5.14 1.17
N VAL B 104 -13.42 4.11 0.95
CA VAL B 104 -13.10 3.13 1.97
C VAL B 104 -11.66 3.26 2.49
N VAL B 105 -10.71 3.33 1.55
CA VAL B 105 -9.29 3.33 1.93
C VAL B 105 -8.88 4.62 2.66
N PRO B 106 -9.22 5.83 2.17
CA PRO B 106 -8.77 7.03 2.91
C PRO B 106 -9.32 7.13 4.35
N PRO B 107 -10.61 6.86 4.68
CA PRO B 107 -11.02 6.92 6.10
C PRO B 107 -10.34 5.85 6.95
N ALA B 108 -10.10 4.66 6.37
CA ALA B 108 -9.46 3.56 7.11
C ALA B 108 -8.04 4.01 7.53
N ILE B 109 -7.26 4.56 6.58
CA ILE B 109 -5.89 4.98 6.90
C ILE B 109 -5.89 6.24 7.75
N GLY B 110 -6.65 7.23 7.31
CA GLY B 110 -6.74 8.53 7.96
C GLY B 110 -7.17 8.43 9.41
N GLY B 111 -8.19 7.63 9.67
CA GLY B 111 -8.67 7.46 11.05
C GLY B 111 -7.64 6.82 11.93
N THR B 112 -6.98 5.79 11.40
CA THR B 112 -5.95 5.07 12.15
C THR B 112 -4.82 6.01 12.55
N LEU B 113 -4.30 6.78 11.56
CA LEU B 113 -3.19 7.66 11.85
C LEU B 113 -3.59 8.85 12.71
N ASN B 114 -4.80 9.39 12.55
CA ASN B 114 -5.23 10.51 13.41
C ASN B 114 -5.36 10.02 14.86
N ALA B 115 -5.82 8.77 15.07
CA ALA B 115 -5.95 8.23 16.43
C ALA B 115 -4.57 8.03 17.05
N LEU B 116 -3.63 7.46 16.29
CA LEU B 116 -2.28 7.25 16.80
C LEU B 116 -1.59 8.58 17.09
N ARG B 117 -1.79 9.60 16.24
CA ARG B 117 -1.14 10.90 16.49
C ARG B 117 -1.70 11.54 17.76
N ALA B 118 -3.01 11.41 17.99
CA ALA B 118 -3.64 11.96 19.20
C ALA B 118 -3.09 11.24 20.44
N ALA B 119 -2.97 9.91 20.37
CA ALA B 119 -2.40 9.14 21.48
C ALA B 119 -0.94 9.51 21.71
N ALA B 120 -0.15 9.70 20.65
CA ALA B 120 1.26 10.03 20.83
C ALA B 120 1.45 11.39 21.50
N ALA B 121 0.51 12.31 21.31
CA ALA B 121 0.57 13.64 21.92
C ALA B 121 -0.05 13.67 23.33
N THR B 122 -0.60 12.53 23.84
CA THR B 122 -1.33 12.49 25.12
C THR B 122 -0.57 11.60 26.13
N PRO B 123 0.24 12.19 27.06
CA PRO B 123 1.02 11.37 28.01
C PRO B 123 0.24 10.32 28.82
N SER B 124 -1.03 10.59 29.14
CA SER B 124 -1.83 9.59 29.88
C SER B 124 -2.03 8.29 29.11
N VAL B 125 -1.98 8.32 27.76
CA VAL B 125 -2.24 7.10 26.99
C VAL B 125 -1.04 6.16 27.07
N LYS B 126 -1.24 4.97 27.66
CA LYS B 126 -0.19 3.97 27.82
C LYS B 126 -0.33 2.80 26.86
N ARG B 127 -1.55 2.52 26.39
CA ARG B 127 -1.79 1.38 25.52
C ARG B 127 -2.76 1.76 24.43
N PHE B 128 -2.52 1.20 23.26
CA PHE B 128 -3.37 1.44 22.11
C PHE B 128 -3.66 0.09 21.47
N VAL B 129 -4.93 -0.21 21.18
CA VAL B 129 -5.28 -1.43 20.43
C VAL B 129 -5.99 -1.01 19.16
N LEU B 130 -5.53 -1.55 18.00
CA LEU B 130 -6.14 -1.25 16.71
C LEU B 130 -6.90 -2.48 16.23
N THR B 131 -8.16 -2.32 15.78
CA THR B 131 -8.85 -3.43 15.17
C THR B 131 -8.42 -3.52 13.71
N SER B 132 -7.67 -4.55 13.38
CA SER B 132 -7.32 -4.84 12.00
C SER B 132 -8.34 -5.93 11.56
N SER B 133 -7.91 -6.95 10.77
CA SER B 133 -8.78 -8.01 10.31
C SER B 133 -7.91 -9.19 9.93
N MET B 134 -8.46 -10.41 9.96
CA MET B 134 -7.77 -11.58 9.38
C MET B 134 -7.45 -11.28 7.89
N MET B 135 -8.29 -10.44 7.22
CA MET B 135 -8.06 -10.09 5.83
C MET B 135 -6.85 -9.21 5.63
N ALA B 136 -6.25 -8.62 6.69
CA ALA B 136 -4.97 -7.91 6.57
C ALA B 136 -3.82 -8.95 6.35
N ALA B 137 -4.08 -10.27 6.58
CA ALA B 137 -3.11 -11.32 6.34
C ALA B 137 -3.47 -12.09 5.06
N ILE B 138 -4.75 -12.48 4.91
CA ILE B 138 -5.17 -13.34 3.82
C ILE B 138 -6.67 -13.27 3.59
N VAL B 139 -7.06 -13.44 2.32
CA VAL B 139 -8.43 -13.71 1.90
C VAL B 139 -8.31 -15.22 1.45
N PRO B 140 -8.71 -16.22 2.26
CA PRO B 140 -8.47 -17.63 1.84
C PRO B 140 -9.21 -18.09 0.62
N LYS B 141 -8.64 -19.12 -0.03
CA LYS B 141 -9.23 -19.81 -1.18
C LYS B 141 -9.77 -21.17 -0.66
N PRO B 142 -10.68 -21.87 -1.38
CA PRO B 142 -11.20 -23.14 -0.84
C PRO B 142 -10.19 -24.29 -0.85
N ASN B 143 -10.07 -25.00 0.29
CA ASN B 143 -9.32 -26.25 0.43
C ASN B 143 -7.86 -26.23 -0.07
N VAL B 144 -7.07 -25.32 0.49
CA VAL B 144 -5.65 -25.25 0.14
C VAL B 144 -4.89 -25.69 1.41
N PRO B 145 -4.33 -26.92 1.50
CA PRO B 145 -3.61 -27.30 2.73
C PRO B 145 -2.24 -26.60 2.85
N GLY B 146 -1.71 -26.58 4.06
CA GLY B 146 -0.37 -26.04 4.30
C GLY B 146 -0.19 -24.54 4.34
N ILE B 147 -1.26 -23.76 4.51
CA ILE B 147 -1.12 -22.30 4.64
C ILE B 147 -1.11 -21.99 6.14
N TYR B 148 -0.06 -21.28 6.57
CA TYR B 148 0.10 -20.90 7.97
C TYR B 148 0.29 -19.39 8.01
N LEU B 149 -0.54 -18.69 8.83
CA LEU B 149 -0.48 -17.24 8.95
C LEU B 149 0.04 -16.90 10.33
N ASP B 150 0.92 -15.92 10.39
CA ASP B 150 1.50 -15.51 11.65
C ASP B 150 1.66 -13.99 11.70
N GLU B 151 2.45 -13.47 12.66
CA GLU B 151 2.54 -12.02 12.79
C GLU B 151 3.34 -11.35 11.69
N LYS B 152 4.00 -12.12 10.78
CA LYS B 152 4.68 -11.54 9.63
C LYS B 152 3.84 -11.65 8.34
N SER B 153 2.57 -12.14 8.41
CA SER B 153 1.74 -12.29 7.21
C SER B 153 1.03 -11.03 6.81
N TRP B 154 1.17 -10.63 5.52
CA TRP B 154 0.52 -9.43 5.02
C TRP B 154 -0.18 -9.72 3.70
N ASN B 155 -1.39 -9.21 3.55
CA ASN B 155 -2.19 -9.46 2.37
C ASN B 155 -1.81 -8.50 1.25
N LEU B 156 -0.63 -8.69 0.69
CA LEU B 156 -0.21 -7.82 -0.43
C LEU B 156 -1.05 -8.09 -1.67
N GLU B 157 -1.61 -9.31 -1.83
CA GLU B 157 -2.54 -9.62 -2.92
C GLU B 157 -3.71 -8.60 -2.93
N SER B 158 -4.20 -8.20 -1.74
CA SER B 158 -5.34 -7.28 -1.70
C SER B 158 -4.99 -5.90 -2.22
N ILE B 159 -3.73 -5.47 -2.07
CA ILE B 159 -3.32 -4.14 -2.56
C ILE B 159 -3.45 -4.13 -4.08
N ASP B 160 -3.00 -5.20 -4.73
CA ASP B 160 -3.16 -5.38 -6.17
C ASP B 160 -4.66 -5.37 -6.55
N LYS B 161 -5.45 -6.31 -6.00
CA LYS B 161 -6.83 -6.48 -6.43
C LYS B 161 -7.72 -5.28 -6.13
N ALA B 162 -7.51 -4.61 -4.99
CA ALA B 162 -8.31 -3.42 -4.68
C ALA B 162 -8.14 -2.32 -5.72
N VAL B 163 -6.94 -2.16 -6.31
N VAL B 163 -6.95 -2.20 -6.26
CA VAL B 163 -6.71 -1.10 -7.30
CA VAL B 163 -6.64 -1.18 -7.24
C VAL B 163 -6.92 -1.54 -8.74
C VAL B 163 -7.07 -1.63 -8.64
N THR B 164 -6.60 -2.82 -9.07
CA THR B 164 -6.72 -3.28 -10.45
C THR B 164 -8.05 -3.89 -10.86
N LEU B 165 -8.86 -4.44 -9.93
CA LEU B 165 -10.16 -4.99 -10.33
C LEU B 165 -11.07 -3.83 -10.81
N PRO B 166 -11.90 -4.03 -11.85
CA PRO B 166 -12.79 -2.94 -12.25
C PRO B 166 -13.81 -2.66 -11.16
N GLU B 167 -14.33 -1.43 -11.12
CA GLU B 167 -15.30 -1.05 -10.08
C GLU B 167 -16.57 -1.93 -10.10
N SER B 168 -16.89 -2.48 -11.29
CA SER B 168 -18.06 -3.33 -11.54
C SER B 168 -17.87 -4.79 -11.09
N HIS B 169 -16.64 -5.22 -10.74
CA HIS B 169 -16.42 -6.62 -10.37
C HIS B 169 -17.16 -6.99 -9.12
N LYS B 170 -17.83 -8.15 -9.12
CA LYS B 170 -18.63 -8.55 -7.96
C LYS B 170 -17.85 -8.57 -6.63
N GLU B 171 -16.53 -8.90 -6.67
CA GLU B 171 -15.68 -8.95 -5.47
C GLU B 171 -14.91 -7.64 -5.24
N LYS B 172 -15.15 -6.55 -6.02
CA LYS B 172 -14.38 -5.31 -5.82
C LYS B 172 -14.46 -4.79 -4.37
N GLY B 173 -15.65 -4.73 -3.80
CA GLY B 173 -15.82 -4.24 -2.44
C GLY B 173 -15.07 -5.05 -1.41
N LEU B 174 -15.09 -6.38 -1.55
CA LEU B 174 -14.35 -7.24 -0.63
C LEU B 174 -12.85 -6.93 -0.66
N TRP B 175 -12.27 -6.82 -1.87
CA TRP B 175 -10.85 -6.56 -2.00
C TRP B 175 -10.44 -5.15 -1.59
N VAL B 176 -11.28 -4.13 -1.89
CA VAL B 176 -11.07 -2.76 -1.40
C VAL B 176 -11.05 -2.79 0.15
N TYR B 177 -12.02 -3.50 0.74
CA TYR B 177 -12.06 -3.63 2.21
C TYR B 177 -10.77 -4.29 2.71
N ALA B 178 -10.37 -5.45 2.14
CA ALA B 178 -9.15 -6.12 2.61
C ALA B 178 -7.90 -5.21 2.49
N ALA B 179 -7.79 -4.49 1.37
CA ALA B 179 -6.64 -3.57 1.19
C ALA B 179 -6.66 -2.45 2.21
N SER B 180 -7.85 -1.91 2.53
CA SER B 180 -7.94 -0.83 3.52
C SER B 180 -7.44 -1.31 4.87
N LYS B 181 -7.75 -2.56 5.25
CA LYS B 181 -7.31 -3.08 6.55
C LYS B 181 -5.81 -3.35 6.51
N THR B 182 -5.35 -3.94 5.40
CA THR B 182 -3.93 -4.25 5.24
C THR B 182 -3.07 -2.99 5.31
N MET B 183 -3.42 -1.94 4.56
CA MET B 183 -2.60 -0.74 4.53
C MET B 183 -2.73 0.04 5.83
N ALA B 184 -3.95 0.12 6.42
CA ALA B 184 -4.08 0.86 7.69
C ALA B 184 -3.24 0.20 8.77
N GLU B 185 -3.26 -1.18 8.83
CA GLU B 185 -2.46 -1.82 9.87
C GLU B 185 -0.96 -1.71 9.61
N MET B 186 -0.54 -1.82 8.34
CA MET B 186 0.88 -1.66 8.01
C MET B 186 1.38 -0.26 8.46
N LEU B 187 0.55 0.77 8.18
CA LEU B 187 0.92 2.14 8.51
C LEU B 187 0.89 2.39 10.00
N ALA B 188 0.05 1.66 10.77
CA ALA B 188 0.08 1.77 12.22
C ALA B 188 1.42 1.28 12.77
N TRP B 189 1.88 0.08 12.31
CA TRP B 189 3.17 -0.42 12.80
C TRP B 189 4.31 0.50 12.35
N HIS B 190 4.24 1.03 11.12
CA HIS B 190 5.27 1.98 10.67
C HIS B 190 5.27 3.25 11.52
N PHE B 191 4.09 3.76 11.94
CA PHE B 191 4.01 4.92 12.82
C PHE B 191 4.78 4.66 14.12
N MET B 192 4.62 3.44 14.69
CA MET B 192 5.34 3.12 15.92
C MET B 192 6.83 3.10 15.69
N ASP B 193 7.26 2.53 14.56
CA ASP B 193 8.70 2.45 14.26
C ASP B 193 9.33 3.81 14.04
N GLU B 194 8.60 4.72 13.36
CA GLU B 194 9.11 6.03 12.98
C GLU B 194 9.06 7.05 14.11
N ASN B 195 7.96 7.06 14.87
CA ASN B 195 7.78 8.08 15.90
C ASN B 195 8.14 7.65 17.30
N LYS B 196 8.30 6.34 17.58
CA LYS B 196 8.65 5.80 18.90
C LYS B 196 7.87 6.47 20.04
N PRO B 197 6.53 6.44 19.95
CA PRO B 197 5.73 7.11 20.98
C PRO B 197 5.76 6.42 22.34
N HIS B 198 5.26 7.12 23.38
CA HIS B 198 5.27 6.59 24.74
C HIS B 198 4.03 5.74 25.08
N PHE B 199 3.61 4.90 24.15
CA PHE B 199 2.53 3.94 24.40
C PHE B 199 2.86 2.70 23.62
N THR B 200 2.26 1.57 24.00
CA THR B 200 2.49 0.28 23.36
C THR B 200 1.30 -0.02 22.47
N LEU B 201 1.59 -0.50 21.28
CA LEU B 201 0.54 -0.89 20.36
C LEU B 201 0.40 -2.41 20.31
N ASN B 202 -0.85 -2.87 20.19
CA ASN B 202 -1.20 -4.25 19.82
C ASN B 202 -2.31 -4.15 18.81
N THR B 203 -2.46 -5.15 17.93
CA THR B 203 -3.58 -5.16 17.00
C THR B 203 -4.35 -6.45 17.17
N VAL B 204 -5.63 -6.41 16.84
CA VAL B 204 -6.52 -7.58 16.86
C VAL B 204 -6.99 -7.81 15.45
N LEU B 205 -6.90 -9.07 14.96
CA LEU B 205 -7.26 -9.40 13.58
C LEU B 205 -8.43 -10.39 13.60
N PRO B 206 -9.68 -9.93 13.77
CA PRO B 206 -10.79 -10.89 13.84
C PRO B 206 -11.07 -11.59 12.53
N ALA B 207 -11.58 -12.81 12.65
CA ALA B 207 -12.16 -13.55 11.55
C ALA B 207 -13.70 -13.13 11.52
N TYR B 208 -14.61 -13.92 10.87
CA TYR B 208 -16.02 -13.58 10.76
C TYR B 208 -16.62 -13.61 12.16
N THR B 209 -16.98 -12.46 12.67
CA THR B 209 -17.39 -12.32 14.08
C THR B 209 -18.88 -12.53 14.29
N ILE B 210 -19.21 -13.46 15.19
CA ILE B 210 -20.59 -13.87 15.45
C ILE B 210 -20.95 -13.67 16.90
N GLY B 211 -22.03 -12.94 17.15
CA GLY B 211 -22.49 -12.76 18.52
C GLY B 211 -23.67 -11.84 18.63
N THR B 212 -24.05 -11.55 19.88
CA THR B 212 -25.22 -10.72 20.20
C THR B 212 -25.19 -9.36 19.56
N ILE B 213 -26.32 -8.94 18.95
CA ILE B 213 -26.45 -7.57 18.44
C ILE B 213 -27.17 -6.84 19.57
N PHE B 214 -26.44 -6.01 20.33
CA PHE B 214 -27.03 -5.35 21.50
C PHE B 214 -28.17 -4.39 21.17
N ASP B 215 -28.09 -3.70 20.05
CA ASP B 215 -29.11 -2.70 19.72
C ASP B 215 -29.55 -2.93 18.27
N PRO B 216 -30.41 -3.93 17.99
CA PRO B 216 -30.82 -4.17 16.59
C PRO B 216 -31.52 -2.98 15.92
N GLU B 217 -32.12 -2.07 16.70
CA GLU B 217 -32.82 -0.91 16.13
C GLU B 217 -31.86 0.06 15.41
N THR B 218 -30.64 0.35 15.97
CA THR B 218 -29.72 1.27 15.28
C THR B 218 -28.33 0.66 15.04
N GLN B 219 -28.22 -0.68 15.05
CA GLN B 219 -26.99 -1.36 14.70
C GLN B 219 -27.31 -2.35 13.62
N SER B 220 -26.64 -2.26 12.46
CA SER B 220 -26.80 -3.25 11.40
C SER B 220 -26.34 -4.65 11.89
N GLY B 221 -25.36 -4.68 12.80
CA GLY B 221 -24.79 -5.92 13.29
C GLY B 221 -23.68 -6.43 12.40
N SER B 222 -23.30 -5.71 11.31
CA SER B 222 -22.23 -6.13 10.41
C SER B 222 -22.37 -7.64 10.01
N THR B 223 -21.32 -8.44 10.24
CA THR B 223 -21.30 -9.89 9.95
C THR B 223 -22.40 -10.64 10.68
N SER B 224 -22.71 -10.26 11.93
CA SER B 224 -23.81 -10.90 12.65
C SER B 224 -25.20 -10.50 12.15
N GLY B 225 -25.31 -9.35 11.49
CA GLY B 225 -26.56 -8.94 10.87
C GLY B 225 -26.85 -9.79 9.65
N ILE B 226 -25.80 -10.21 8.91
CA ILE B 226 -25.98 -11.12 7.77
C ILE B 226 -26.49 -12.47 8.32
N VAL B 227 -25.90 -12.95 9.42
CA VAL B 227 -26.34 -14.23 10.01
C VAL B 227 -27.80 -14.11 10.50
N MET B 228 -28.17 -12.98 11.14
CA MET B 228 -29.53 -12.80 11.62
C MET B 228 -30.52 -12.73 10.47
N LYS B 229 -30.13 -12.14 9.34
CA LYS B 229 -31.01 -12.09 8.17
C LYS B 229 -31.28 -13.51 7.67
N LEU B 230 -30.24 -14.37 7.61
CA LEU B 230 -30.39 -15.76 7.20
C LEU B 230 -31.28 -16.53 8.19
N PHE B 231 -31.19 -16.22 9.51
CA PHE B 231 -32.06 -16.83 10.52
C PHE B 231 -33.53 -16.51 10.19
N ASN B 232 -33.79 -15.27 9.73
CA ASN B 232 -35.12 -14.83 9.31
C ASN B 232 -35.46 -15.18 7.84
N GLY B 233 -34.70 -16.06 7.22
CA GLY B 233 -34.98 -16.55 5.87
C GLY B 233 -34.56 -15.68 4.70
N GLU B 234 -33.79 -14.59 4.97
CA GLU B 234 -33.31 -13.65 3.96
C GLU B 234 -31.84 -13.92 3.63
N VAL B 235 -31.52 -14.18 2.36
CA VAL B 235 -30.14 -14.40 1.94
C VAL B 235 -29.62 -13.04 1.52
N SER B 236 -28.75 -12.44 2.33
CA SER B 236 -28.18 -11.13 2.05
C SER B 236 -27.37 -11.18 0.75
N PRO B 237 -27.41 -10.15 -0.13
CA PRO B 237 -26.50 -10.16 -1.30
C PRO B 237 -25.02 -10.19 -0.88
N MET B 238 -24.70 -9.69 0.35
CA MET B 238 -23.35 -9.68 0.87
C MET B 238 -22.85 -11.08 1.26
N LEU B 239 -23.77 -12.04 1.54
CA LEU B 239 -23.39 -13.40 1.91
C LEU B 239 -22.49 -14.05 0.85
N ALA B 240 -22.87 -13.99 -0.44
CA ALA B 240 -22.06 -14.54 -1.53
C ALA B 240 -20.77 -13.75 -1.78
N LEU B 241 -20.67 -12.51 -1.28
CA LEU B 241 -19.47 -11.67 -1.44
C LEU B 241 -18.51 -11.97 -0.28
N PHE B 242 -18.32 -13.28 0.02
CA PHE B 242 -17.46 -13.80 1.07
C PHE B 242 -16.96 -15.21 0.65
N GLY B 243 -15.66 -15.44 0.73
CA GLY B 243 -15.10 -16.75 0.42
C GLY B 243 -15.13 -17.66 1.64
N PRO B 244 -14.37 -18.79 1.66
CA PRO B 244 -14.39 -19.66 2.86
C PRO B 244 -13.62 -19.03 4.02
N GLN B 245 -14.00 -19.30 5.30
CA GLN B 245 -13.25 -18.65 6.40
C GLN B 245 -13.50 -19.18 7.80
N HIS B 246 -12.83 -18.55 8.79
CA HIS B 246 -12.95 -18.86 10.21
C HIS B 246 -14.01 -17.98 10.83
N TYR B 247 -14.56 -18.45 11.96
CA TYR B 247 -15.49 -17.65 12.77
C TYR B 247 -14.72 -17.26 14.03
N VAL B 248 -15.31 -16.30 14.77
CA VAL B 248 -14.86 -15.99 16.11
C VAL B 248 -16.04 -15.35 16.85
N SER B 249 -16.14 -15.64 18.15
CA SER B 249 -17.20 -15.05 18.98
C SER B 249 -16.96 -13.56 19.15
N ALA B 250 -18.04 -12.73 19.07
CA ALA B 250 -17.94 -11.27 19.35
C ALA B 250 -17.50 -11.02 20.80
N PHE B 251 -17.94 -11.87 21.72
CA PHE B 251 -17.55 -11.81 23.12
C PHE B 251 -16.02 -12.03 23.23
N ASP B 252 -15.49 -13.06 22.53
CA ASP B 252 -14.03 -13.28 22.54
C ASP B 252 -13.30 -12.12 21.91
N ILE B 253 -13.87 -11.50 20.86
CA ILE B 253 -13.22 -10.32 20.25
C ILE B 253 -13.18 -9.16 21.27
N GLY B 254 -14.24 -8.99 22.06
CA GLY B 254 -14.22 -8.00 23.15
C GLY B 254 -13.11 -8.28 24.14
N LEU B 255 -12.94 -9.55 24.52
CA LEU B 255 -11.87 -9.93 25.42
C LEU B 255 -10.50 -9.74 24.82
N LEU B 256 -10.32 -10.03 23.51
CA LEU B 256 -8.97 -9.88 22.92
C LEU B 256 -8.54 -8.41 22.95
N HIS B 257 -9.50 -7.48 22.69
CA HIS B 257 -9.14 -6.06 22.77
C HIS B 257 -8.80 -5.67 24.19
N LEU B 258 -9.58 -6.16 25.17
CA LEU B 258 -9.33 -5.87 26.59
C LEU B 258 -7.94 -6.37 27.00
N GLY B 259 -7.60 -7.60 26.60
CA GLY B 259 -6.29 -8.14 26.92
C GLY B 259 -5.15 -7.33 26.31
N CYS B 260 -5.34 -6.91 25.07
CA CYS B 260 -4.37 -6.06 24.39
C CYS B 260 -4.16 -4.71 25.13
N LEU B 261 -5.20 -4.19 25.77
CA LEU B 261 -5.10 -2.92 26.48
C LEU B 261 -4.50 -3.03 27.85
N VAL B 262 -4.70 -4.19 28.54
CA VAL B 262 -4.29 -4.25 29.95
C VAL B 262 -3.31 -5.34 30.33
N LEU B 263 -3.05 -6.37 29.50
CA LEU B 263 -2.14 -7.45 29.95
C LEU B 263 -0.67 -7.12 29.71
N PRO B 264 0.20 -7.20 30.75
CA PRO B 264 1.61 -6.83 30.54
C PRO B 264 2.36 -7.73 29.58
N GLN B 265 1.95 -9.00 29.48
CA GLN B 265 2.65 -9.97 28.63
C GLN B 265 2.29 -9.85 27.15
N ILE B 266 1.40 -8.88 26.76
CA ILE B 266 1.01 -8.71 25.36
C ILE B 266 1.51 -7.36 24.90
N GLU B 267 2.62 -7.34 24.11
CA GLU B 267 3.17 -6.08 23.64
C GLU B 267 3.63 -6.26 22.21
N ARG B 268 3.28 -5.31 21.33
CA ARG B 268 3.71 -5.34 19.93
C ARG B 268 3.30 -6.62 19.22
N ARG B 269 2.07 -7.01 19.46
CA ARG B 269 1.54 -8.26 18.89
C ARG B 269 0.44 -8.01 17.92
N ARG B 270 0.31 -8.94 16.93
CA ARG B 270 -0.83 -9.00 16.02
C ARG B 270 -1.60 -10.25 16.47
N VAL B 271 -2.73 -10.01 17.13
CA VAL B 271 -3.51 -11.06 17.78
C VAL B 271 -4.65 -11.57 16.89
N TYR B 272 -4.51 -12.78 16.35
CA TYR B 272 -5.56 -13.37 15.50
C TYR B 272 -6.80 -13.76 16.30
N GLY B 273 -7.96 -13.31 15.86
CA GLY B 273 -9.22 -13.70 16.49
C GLY B 273 -9.84 -14.75 15.59
N THR B 274 -9.24 -15.96 15.55
CA THR B 274 -9.60 -17.00 14.59
C THR B 274 -9.81 -18.31 15.33
N ALA B 275 -11.08 -18.66 15.58
CA ALA B 275 -11.38 -19.83 16.39
C ALA B 275 -11.31 -21.13 15.58
N ALA B 276 -12.07 -21.25 14.50
CA ALA B 276 -12.13 -22.48 13.71
C ALA B 276 -12.81 -22.20 12.38
N PRO B 277 -12.62 -23.06 11.35
CA PRO B 277 -13.36 -22.84 10.11
C PRO B 277 -14.86 -23.05 10.30
N PHE B 278 -15.65 -22.42 9.43
CA PHE B 278 -17.08 -22.66 9.38
C PHE B 278 -17.59 -22.46 7.95
N ASP B 279 -18.80 -22.93 7.68
CA ASP B 279 -19.45 -22.68 6.40
C ASP B 279 -20.92 -22.35 6.67
N TRP B 280 -21.61 -21.82 5.65
CA TRP B 280 -22.99 -21.40 5.84
C TRP B 280 -23.97 -22.57 6.09
N ASN B 281 -23.63 -23.83 5.72
CA ASN B 281 -24.47 -24.99 6.05
C ASN B 281 -24.32 -25.39 7.52
N MET B 282 -23.16 -25.11 8.14
CA MET B 282 -23.01 -25.34 9.59
C MET B 282 -23.87 -24.33 10.32
N VAL B 283 -23.97 -23.06 9.81
CA VAL B 283 -24.81 -22.04 10.46
C VAL B 283 -26.26 -22.53 10.43
N LEU B 284 -26.73 -22.96 9.25
CA LEU B 284 -28.10 -23.44 9.13
C LEU B 284 -28.36 -24.67 10.00
N ALA B 285 -27.39 -25.59 10.13
CA ALA B 285 -27.54 -26.77 10.99
C ALA B 285 -27.72 -26.38 12.47
N VAL B 286 -26.98 -25.35 12.92
CA VAL B 286 -27.09 -24.87 14.29
C VAL B 286 -28.43 -24.17 14.48
N PHE B 287 -28.93 -23.42 13.47
CA PHE B 287 -30.25 -22.78 13.59
C PHE B 287 -31.35 -23.85 13.83
N ARG B 288 -31.31 -24.95 13.06
CA ARG B 288 -32.30 -26.03 13.16
C ARG B 288 -32.23 -26.71 14.54
N LYS B 289 -31.02 -26.90 15.07
CA LYS B 289 -30.86 -27.50 16.40
C LYS B 289 -31.39 -26.57 17.50
N LEU B 290 -31.10 -25.25 17.41
CA LEU B 290 -31.54 -24.31 18.43
C LEU B 290 -33.05 -23.98 18.34
N TRP B 291 -33.63 -24.05 17.14
CA TRP B 291 -35.03 -23.73 16.91
C TRP B 291 -35.66 -24.85 16.09
N PRO B 292 -35.91 -26.03 16.73
CA PRO B 292 -36.44 -27.17 15.95
C PRO B 292 -37.83 -26.98 15.34
N SER B 293 -38.65 -26.04 15.83
CA SER B 293 -39.97 -25.80 15.23
C SER B 293 -39.93 -24.88 14.01
N LYS B 294 -38.85 -24.07 13.87
CA LYS B 294 -38.81 -23.07 12.81
C LYS B 294 -38.30 -23.57 11.46
N THR B 295 -38.80 -22.94 10.38
CA THR B 295 -38.41 -23.22 9.01
C THR B 295 -37.21 -22.33 8.66
N PHE B 296 -36.19 -22.90 8.02
CA PHE B 296 -35.00 -22.14 7.65
C PHE B 296 -34.67 -22.38 6.19
N PRO B 297 -33.85 -21.53 5.52
CA PRO B 297 -33.49 -21.82 4.13
C PRO B 297 -32.83 -23.19 3.97
N ALA B 298 -32.97 -23.77 2.78
CA ALA B 298 -32.34 -25.04 2.48
C ALA B 298 -30.82 -24.83 2.40
N ASP B 299 -30.05 -25.92 2.51
CA ASP B 299 -28.59 -25.82 2.45
C ASP B 299 -28.10 -25.23 1.14
N PHE B 300 -27.05 -24.44 1.23
CA PHE B 300 -26.39 -23.85 0.07
C PHE B 300 -25.54 -24.96 -0.58
N PRO B 301 -25.05 -24.79 -1.84
CA PRO B 301 -24.11 -25.78 -2.38
C PRO B 301 -22.83 -25.83 -1.54
N ASP B 302 -22.11 -26.96 -1.54
CA ASP B 302 -20.84 -27.09 -0.83
C ASP B 302 -19.86 -26.03 -1.36
N GLN B 303 -19.46 -25.07 -0.51
CA GLN B 303 -18.51 -24.03 -0.93
C GLN B 303 -17.14 -24.24 -0.26
N GLY B 304 -16.72 -25.50 -0.16
CA GLY B 304 -15.44 -25.87 0.41
C GLY B 304 -15.21 -25.51 1.88
N GLN B 305 -13.92 -25.45 2.29
CA GLN B 305 -13.54 -25.17 3.67
C GLN B 305 -12.21 -24.43 3.71
N ASP B 306 -12.05 -23.56 4.71
CA ASP B 306 -10.82 -22.81 4.88
C ASP B 306 -9.87 -23.67 5.69
N LEU B 307 -8.78 -24.18 5.07
CA LEU B 307 -7.82 -25.01 5.81
C LEU B 307 -6.67 -24.18 6.41
N SER B 308 -6.72 -22.85 6.35
CA SER B 308 -5.65 -22.00 6.92
C SER B 308 -5.44 -22.27 8.40
N VAL B 309 -4.18 -22.15 8.86
CA VAL B 309 -3.85 -22.33 10.29
C VAL B 309 -3.23 -21.01 10.72
N PHE B 310 -3.65 -20.48 11.90
CA PHE B 310 -3.17 -19.21 12.42
C PHE B 310 -2.33 -19.37 13.69
N ASP B 311 -1.33 -18.48 13.86
CA ASP B 311 -0.54 -18.47 15.10
C ASP B 311 -1.38 -17.71 16.14
N THR B 312 -2.15 -18.46 16.93
CA THR B 312 -3.03 -17.88 17.95
C THR B 312 -2.43 -17.91 19.35
N ARG B 313 -1.09 -18.02 19.48
CA ARG B 313 -0.51 -18.12 20.83
C ARG B 313 -0.87 -16.90 21.73
N PRO B 314 -0.71 -15.63 21.29
CA PRO B 314 -1.11 -14.51 22.16
C PRO B 314 -2.63 -14.44 22.35
N SER B 315 -3.41 -14.90 21.38
CA SER B 315 -4.87 -14.89 21.48
C SER B 315 -5.32 -15.79 22.63
N LEU B 316 -4.76 -17.00 22.69
CA LEU B 316 -5.13 -17.93 23.75
C LEU B 316 -4.53 -17.51 25.10
N GLU B 317 -3.36 -16.88 25.10
CA GLU B 317 -2.77 -16.33 26.33
C GLU B 317 -3.74 -15.27 26.93
N ILE B 318 -4.29 -14.42 26.08
CA ILE B 318 -5.26 -13.41 26.54
C ILE B 318 -6.52 -14.11 27.12
N LEU B 319 -7.14 -15.02 26.34
CA LEU B 319 -8.40 -15.63 26.79
C LEU B 319 -8.19 -16.38 28.12
N LYS B 320 -7.07 -17.10 28.25
CA LYS B 320 -6.78 -17.82 29.50
C LYS B 320 -6.51 -16.87 30.67
N SER B 321 -5.78 -15.76 30.44
CA SER B 321 -5.54 -14.76 31.49
C SER B 321 -6.83 -14.08 31.93
N LEU B 322 -7.84 -13.99 31.04
CA LEU B 322 -9.12 -13.38 31.38
C LEU B 322 -10.21 -14.38 31.81
N GLY B 323 -9.79 -15.56 32.26
CA GLY B 323 -10.69 -16.56 32.84
C GLY B 323 -11.42 -17.50 31.92
N ARG B 324 -11.03 -17.57 30.63
CA ARG B 324 -11.68 -18.49 29.71
C ARG B 324 -10.90 -19.78 29.55
N GLU B 325 -11.57 -20.85 29.10
CA GLU B 325 -10.91 -22.15 28.82
C GLU B 325 -10.30 -22.19 27.42
N GLY B 326 -10.81 -21.34 26.54
CA GLY B 326 -10.38 -21.25 25.15
C GLY B 326 -11.41 -20.47 24.35
N TRP B 327 -11.45 -20.69 23.04
CA TRP B 327 -12.41 -20.01 22.20
C TRP B 327 -13.83 -20.42 22.54
N ARG B 328 -14.76 -19.48 22.48
CA ARG B 328 -16.18 -19.78 22.63
C ARG B 328 -16.59 -20.55 21.36
N SER B 329 -17.39 -21.60 21.55
CA SER B 329 -17.74 -22.47 20.45
C SER B 329 -18.62 -21.82 19.38
N PHE B 330 -18.65 -22.44 18.21
CA PHE B 330 -19.49 -21.97 17.10
C PHE B 330 -20.97 -22.01 17.51
N GLU B 331 -21.42 -23.12 18.12
CA GLU B 331 -22.82 -23.21 18.55
C GLU B 331 -23.17 -22.13 19.59
N ASP B 332 -22.30 -21.90 20.59
CA ASP B 332 -22.56 -20.86 21.59
C ASP B 332 -22.54 -19.48 20.97
N SER B 333 -21.63 -19.23 19.99
CA SER B 333 -21.57 -17.91 19.33
C SER B 333 -22.87 -17.62 18.55
N ILE B 334 -23.41 -18.63 17.85
CA ILE B 334 -24.66 -18.45 17.12
C ILE B 334 -25.80 -18.26 18.12
N LYS B 335 -25.83 -19.04 19.20
CA LYS B 335 -26.86 -18.90 20.25
C LYS B 335 -26.83 -17.50 20.87
N ASP B 336 -25.63 -16.91 21.06
CA ASP B 336 -25.55 -15.52 21.60
C ASP B 336 -26.34 -14.55 20.67
N LEU B 337 -26.39 -14.86 19.36
CA LEU B 337 -27.07 -14.01 18.39
C LEU B 337 -28.57 -14.32 18.29
N VAL B 338 -28.94 -15.59 18.07
CA VAL B 338 -30.34 -15.96 17.75
C VAL B 338 -31.10 -16.63 18.90
N GLY B 339 -30.44 -16.88 20.03
CA GLY B 339 -31.05 -17.56 21.16
C GLY B 339 -31.43 -19.00 20.84
N SER B 340 -32.32 -19.57 21.65
CA SER B 340 -32.79 -20.92 21.45
C SER B 340 -34.31 -20.94 21.79
N GLU B 341 -35.05 -21.80 21.11
CA GLU B 341 -36.51 -21.87 21.23
C GLU B 341 -36.98 -22.19 22.63
N PHE B 342 -36.22 -23.00 23.39
CA PHE B 342 -36.59 -23.40 24.75
C PHE B 342 -35.63 -22.78 25.76
PA NAP C . 7.85 10.40 -19.61
O1A NAP C . 8.88 10.97 -20.53
O2A NAP C . 6.58 11.18 -19.46
O5B NAP C . 7.52 8.92 -20.03
C5B NAP C . 6.52 8.15 -19.34
C4B NAP C . 6.23 6.95 -20.19
O4B NAP C . 5.16 6.18 -19.59
C3B NAP C . 5.78 7.25 -21.63
O3B NAP C . 6.24 6.21 -22.50
C2B NAP C . 4.26 7.20 -21.49
O2B NAP C . 3.55 6.90 -22.69
C1B NAP C . 4.13 6.02 -20.53
N9A NAP C . 2.85 6.00 -19.83
C8A NAP C . 2.36 6.91 -18.94
N7A NAP C . 1.14 6.66 -18.54
C5A NAP C . 0.78 5.53 -19.25
C6A NAP C . -0.41 4.76 -19.28
N6A NAP C . -1.49 5.06 -18.56
N1A NAP C . -0.43 3.70 -20.10
C2A NAP C . 0.66 3.42 -20.84
N3A NAP C . 1.82 4.05 -20.89
C4A NAP C . 1.82 5.11 -20.06
O3 NAP C . 8.46 10.24 -18.14
PN NAP C . 9.74 9.44 -17.64
O1N NAP C . 10.39 10.28 -16.59
O2N NAP C . 10.54 9.01 -18.82
O5D NAP C . 9.04 8.16 -16.97
C5D NAP C . 9.39 6.80 -17.33
C4D NAP C . 9.60 6.01 -16.07
O4D NAP C . 10.72 6.58 -15.35
C3D NAP C . 8.43 6.00 -15.06
O3D NAP C . 8.26 4.69 -14.55
C2D NAP C . 8.91 6.97 -13.99
O2D NAP C . 8.29 6.74 -12.73
C1D NAP C . 10.40 6.61 -13.97
N1N NAP C . 11.25 7.62 -13.29
C2N NAP C . 11.58 8.81 -13.92
C3N NAP C . 12.45 9.70 -13.27
C7N NAP C . 12.93 10.98 -13.90
O7N NAP C . 13.66 11.70 -13.22
N7N NAP C . 12.55 11.32 -15.13
C4N NAP C . 12.88 9.42 -11.97
C5N NAP C . 12.45 8.26 -11.34
C6N NAP C . 11.71 7.35 -12.04
P2B NAP C . 2.53 8.00 -23.31
O1X NAP C . 3.35 9.00 -24.09
O2X NAP C . 1.69 7.10 -24.22
O3X NAP C . 1.76 8.61 -22.18
H51A NAP C . 5.70 8.69 -19.23
H52A NAP C . 6.85 7.87 -18.45
H4B NAP C . 7.05 6.39 -20.21
H3B NAP C . 6.08 8.13 -21.95
HO3A NAP C . 6.05 6.42 -23.30
H2B NAP C . 3.93 8.03 -21.07
H1B NAP C . 4.25 5.18 -21.03
H8A NAP C . 2.87 7.64 -18.61
H61A NAP C . -1.50 5.75 -18.03
H62A NAP C . -2.21 4.54 -18.61
H2A NAP C . 0.58 2.65 -21.39
H51N NAP C . 10.22 6.78 -17.87
H52N NAP C . 8.66 6.39 -17.86
H4D NAP C . 9.84 5.09 -16.32
H3D NAP C . 7.59 6.33 -15.48
HO3N NAP C . 8.00 4.17 -15.17
H2D NAP C . 8.78 7.91 -14.27
HO2N NAP C . 8.59 7.30 -12.16
H1D NAP C . 10.54 5.71 -13.57
H2N NAP C . 11.21 9.03 -14.75
H71N NAP C . 12.04 10.79 -15.61
H72N NAP C . 12.83 12.09 -15.49
H4N NAP C . 13.45 10.01 -11.52
H5N NAP C . 12.66 8.10 -10.44
H6N NAP C . 11.49 6.52 -11.66
K K D . 21.80 7.56 -23.41
PA NAP E . -19.93 -1.92 11.83
O1A NAP E . -20.93 -2.45 12.78
O2A NAP E . -20.41 -1.32 10.54
O5B NAP E . -19.05 -0.82 12.60
C5B NAP E . -18.12 0.01 11.88
C4B NAP E . -17.88 1.23 12.73
O4B NAP E . -17.01 2.13 11.99
C3B NAP E . -19.14 2.05 13.09
O3B NAP E . -19.01 2.67 14.35
C2B NAP E . -19.13 3.09 11.97
O2B NAP E . -19.81 4.30 12.29
C1B NAP E . -17.64 3.38 11.91
N9A NAP E . -17.25 4.04 10.67
C8A NAP E . -17.38 3.51 9.41
N7A NAP E . -17.02 4.35 8.47
C5A NAP E . -16.66 5.50 9.15
C6A NAP E . -16.19 6.75 8.71
N6A NAP E . -16.02 7.06 7.42
N1A NAP E . -15.97 7.70 9.64
C2A NAP E . -16.15 7.39 10.93
N3A NAP E . -16.56 6.24 11.47
C4A NAP E . -16.81 5.33 10.52
O3 NAP E . -18.87 -3.05 11.48
PN NAP E . -17.86 -3.90 12.41
O1N NAP E . -17.74 -5.27 11.83
O2N NAP E . -18.27 -3.76 13.83
O5D NAP E . -16.50 -3.11 12.14
C5D NAP E . -15.74 -2.55 13.26
C4D NAP E . -14.29 -2.87 13.06
O4D NAP E . -14.08 -4.30 13.16
C3D NAP E . -13.70 -2.46 11.69
O3D NAP E . -12.38 -1.93 11.84
C2D NAP E . -13.64 -3.80 10.95
O2D NAP E . -12.68 -3.83 9.92
C1D NAP E . -13.25 -4.72 12.10
N1N NAP E . -13.49 -6.16 11.81
C2N NAP E . -14.78 -6.70 11.89
C3N NAP E . -14.97 -8.06 11.61
C7N NAP E . -16.31 -8.75 11.70
O7N NAP E . -16.36 -9.96 11.53
N7N NAP E . -17.40 -8.03 11.99
C4N NAP E . -13.87 -8.84 11.23
C5N NAP E . -12.59 -8.29 11.23
C6N NAP E . -12.44 -6.96 11.55
P2B NAP E . -21.12 4.75 11.44
O1X NAP E . -22.29 4.01 12.06
O2X NAP E . -21.21 6.22 11.69
O3X NAP E . -20.93 4.39 9.98
H51A NAP E . -18.50 0.28 10.99
H52A NAP E . -17.28 -0.48 11.72
H4B NAP E . -17.42 0.94 13.55
H3B NAP E . -19.96 1.50 13.04
HO3A NAP E . -19.75 3.04 14.57
H2B NAP E . -19.46 2.69 11.13
H1B NAP E . -17.39 3.94 12.68
H8A NAP E . -17.68 2.64 9.24
H61A NAP E . -16.20 6.47 6.80
H62A NAP E . -15.73 7.86 7.19
H2A NAP E . -15.95 8.07 11.55
H51N NAP E . -16.04 -2.92 14.10
H52N NAP E . -15.86 -1.57 13.28
H4D NAP E . -13.78 -2.44 13.78
H3D NAP E . -14.28 -1.82 11.22
HO3N NAP E . -12.42 -1.21 12.29
H2D NAP E . -14.53 -4.04 10.61
HO2N NAP E . -12.69 -4.59 9.54
H1D NAP E . -12.30 -4.58 12.35
H2N NAP E . -15.51 -6.16 12.11
H71N NAP E . -17.36 -7.15 12.08
H72N NAP E . -18.18 -8.43 12.08
H4N NAP E . -13.98 -9.74 10.98
H5N NAP E . -11.84 -8.81 11.03
H6N NAP E . -11.57 -6.58 11.57
K K F . -19.50 -8.96 24.83
#